data_8X7L
#
_entry.id   8X7L
#
loop_
_entity.id
_entity.type
_entity.pdbx_description
1 polymer Alpha-synuclein
2 non-polymer '4-azanyl-6-[[4-[4-[(~{E})-(8-azanyl-1-oxidanyl-5,7-disulfo-naphthalen-2-yl)diazenyl]-3-methyl-phenyl]-2-methyl-phenyl]diazenyl]-5-oxidanyl-naphthalene-1,3-disulfonic acid'
#
_entity_poly.entity_id   1
_entity_poly.type   'polypeptide(L)'
_entity_poly.pdbx_seq_one_letter_code
;MDVFMKGLSKAKEGVVAAAEKTKQGVAEAAGKTKEGVLYVGSKTKKGVVHGVATVAEKTKEQVTNVGGAVVTGVTAVAQK
TVEGAGSIAAATGFVKKDQLGKNEEGAPQEGILEDMPVDPDNEAYEMPSEEGYQDYEPEA
;
_entity_poly.pdbx_strand_id   A,C,D,E,F,G,H,I,J,B
#
loop_
_chem_comp.id
_chem_comp.type
_chem_comp.name
_chem_comp.formula
IZ8 non-polymer '4-azanyl-6-[[4-[4-[(~{E})-(8-azanyl-1-oxidanyl-5,7-disulfo-naphthalen-2-yl)diazenyl]-3-methyl-phenyl]-2-methyl-phenyl]diazenyl]-5-oxidanyl-naphthalene-1,3-disulfonic acid' 'C34 H28 N6 O14 S4'
#
# COMPACT_ATOMS: atom_id res chain seq x y z
N LYS A 45 -23.32 -32.05 -23.29
CA LYS A 45 -22.15 -31.39 -23.83
C LYS A 45 -20.96 -32.34 -23.85
N LYS A 46 -19.90 -31.95 -24.55
CA LYS A 46 -18.72 -32.79 -24.71
C LYS A 46 -17.49 -31.91 -24.62
N GLY A 47 -16.45 -32.41 -23.95
CA GLY A 47 -15.20 -31.71 -23.86
C GLY A 47 -14.02 -32.64 -23.72
N VAL A 48 -12.96 -32.39 -24.47
CA VAL A 48 -11.71 -33.15 -24.35
C VAL A 48 -10.57 -32.14 -24.26
N VAL A 49 -9.76 -32.24 -23.21
CA VAL A 49 -8.67 -31.28 -23.05
C VAL A 49 -7.37 -32.05 -22.93
N HIS A 50 -6.27 -31.38 -23.24
CA HIS A 50 -4.95 -31.87 -22.89
C HIS A 50 -4.43 -31.25 -21.61
N GLY A 51 -4.98 -30.12 -21.21
CA GLY A 51 -4.44 -29.49 -20.03
C GLY A 51 -3.31 -28.56 -20.36
N VAL A 52 -3.32 -27.39 -19.72
CA VAL A 52 -4.21 -27.12 -18.61
C VAL A 52 -5.44 -26.29 -19.07
N ALA A 53 -6.62 -26.83 -18.89
CA ALA A 53 -7.82 -26.06 -19.22
C ALA A 53 -8.43 -25.47 -17.97
N THR A 54 -9.46 -24.65 -18.18
CA THR A 54 -10.36 -24.20 -17.11
C THR A 54 -11.67 -23.82 -17.77
N VAL A 55 -12.65 -24.71 -17.72
CA VAL A 55 -13.87 -24.58 -18.50
C VAL A 55 -15.02 -24.41 -17.54
N ALA A 56 -15.95 -23.52 -17.86
CA ALA A 56 -16.93 -23.11 -16.86
C ALA A 56 -18.13 -22.45 -17.51
N GLU A 57 -19.07 -22.06 -16.67
CA GLU A 57 -20.17 -21.19 -17.02
C GLU A 57 -20.55 -20.39 -15.77
N LYS A 58 -21.03 -19.15 -15.98
CA LYS A 58 -21.57 -18.27 -14.93
C LYS A 58 -20.55 -18.00 -13.83
N THR A 59 -19.32 -17.71 -14.25
CA THR A 59 -18.18 -17.82 -13.36
C THR A 59 -17.55 -16.49 -13.05
N LYS A 60 -17.43 -16.13 -11.78
CA LYS A 60 -17.00 -14.76 -11.51
C LYS A 60 -15.51 -14.57 -11.74
N GLU A 61 -14.66 -15.49 -11.35
CA GLU A 61 -13.23 -15.30 -11.57
C GLU A 61 -12.60 -16.57 -12.13
N GLN A 62 -11.56 -16.39 -12.94
CA GLN A 62 -10.84 -17.49 -13.57
C GLN A 62 -9.38 -17.14 -13.70
N VAL A 63 -8.52 -18.10 -13.38
CA VAL A 63 -7.08 -17.96 -13.56
C VAL A 63 -6.57 -19.28 -14.12
N THR A 64 -5.77 -19.22 -15.16
CA THR A 64 -5.05 -20.38 -15.68
C THR A 64 -3.59 -20.03 -15.71
N ASN A 65 -2.75 -20.89 -15.16
CA ASN A 65 -1.35 -20.53 -15.10
C ASN A 65 -0.54 -21.77 -15.44
N VAL A 66 0.54 -21.55 -16.17
CA VAL A 66 1.66 -22.47 -16.32
C VAL A 66 2.87 -21.58 -16.25
N GLY A 67 3.68 -21.67 -15.21
CA GLY A 67 4.84 -20.78 -15.17
C GLY A 67 5.56 -20.69 -13.86
N GLY A 68 5.80 -19.48 -13.38
CA GLY A 68 5.02 -18.29 -13.70
C GLY A 68 4.18 -17.79 -12.55
N ALA A 69 3.68 -16.56 -12.65
CA ALA A 69 2.96 -15.93 -11.57
C ALA A 69 1.74 -15.19 -12.09
N VAL A 70 0.69 -15.21 -11.29
CA VAL A 70 -0.54 -14.47 -11.55
C VAL A 70 -1.01 -13.88 -10.24
N VAL A 71 -1.20 -12.58 -10.20
CA VAL A 71 -1.70 -11.89 -9.02
C VAL A 71 -2.97 -11.16 -9.40
N THR A 72 -4.07 -11.58 -8.82
CA THR A 72 -5.36 -11.00 -9.16
C THR A 72 -6.08 -10.51 -7.91
N GLY A 73 -5.54 -10.76 -6.73
CA GLY A 73 -6.23 -10.48 -5.50
C GLY A 73 -5.70 -9.29 -4.76
N VAL A 74 -6.54 -8.80 -3.86
CA VAL A 74 -6.23 -7.64 -3.04
C VAL A 74 -5.10 -7.99 -2.11
N THR A 75 -4.12 -7.10 -1.99
CA THR A 75 -2.93 -7.41 -1.21
C THR A 75 -2.36 -6.14 -0.63
N ALA A 76 -2.13 -6.11 0.66
CA ALA A 76 -1.59 -4.95 1.32
C ALA A 76 -0.40 -5.38 2.15
N VAL A 77 0.75 -4.82 1.89
CA VAL A 77 1.93 -5.10 2.69
C VAL A 77 2.41 -3.79 3.26
N ALA A 78 2.52 -3.71 4.56
CA ALA A 78 3.09 -2.55 5.22
C ALA A 78 4.28 -3.05 6.01
N GLN A 79 5.40 -2.36 5.90
CA GLN A 79 6.62 -2.95 6.39
C GLN A 79 7.57 -1.84 6.79
N LYS A 80 8.38 -2.07 7.81
CA LYS A 80 9.17 -1.01 8.41
C LYS A 80 10.67 -1.22 8.32
N THR A 81 11.15 -2.45 8.36
CA THR A 81 12.59 -2.69 8.28
C THR A 81 12.84 -4.12 7.89
N VAL A 82 13.64 -4.35 6.86
CA VAL A 82 14.03 -5.68 6.43
C VAL A 82 15.54 -5.74 6.44
N GLU A 83 16.08 -6.75 7.11
CA GLU A 83 17.53 -6.93 7.18
C GLU A 83 17.82 -8.40 6.95
N GLY A 84 19.08 -8.78 7.11
CA GLY A 84 19.47 -10.17 7.03
C GLY A 84 19.75 -10.62 5.62
N ALA A 85 20.53 -11.69 5.51
CA ALA A 85 21.06 -12.10 4.21
C ALA A 85 21.00 -13.63 4.09
N GLY A 86 19.91 -14.15 3.54
CA GLY A 86 18.82 -13.36 2.99
C GLY A 86 17.48 -13.97 3.32
N SER A 87 16.60 -13.15 3.88
CA SER A 87 15.37 -13.60 4.49
C SER A 87 14.17 -13.21 3.66
N ILE A 88 13.33 -14.18 3.32
CA ILE A 88 12.10 -13.88 2.60
C ILE A 88 11.21 -13.25 3.67
N ALA A 89 11.02 -11.94 3.57
CA ALA A 89 10.25 -11.20 4.57
C ALA A 89 8.76 -11.52 4.52
N ALA A 90 8.07 -11.07 3.48
CA ALA A 90 6.64 -11.32 3.36
C ALA A 90 6.33 -11.88 1.98
N ALA A 91 6.15 -13.21 1.92
CA ALA A 91 5.86 -13.86 0.65
C ALA A 91 4.43 -14.37 0.63
N THR A 92 3.68 -14.05 -0.40
CA THR A 92 2.32 -14.55 -0.46
C THR A 92 2.21 -15.80 -1.31
N GLY A 93 2.54 -15.72 -2.59
CA GLY A 93 2.57 -16.89 -3.42
C GLY A 93 3.96 -17.03 -3.97
N PHE A 94 4.63 -18.13 -3.70
CA PHE A 94 6.07 -18.11 -3.83
C PHE A 94 6.50 -19.51 -4.24
N VAL A 95 7.55 -19.57 -5.06
CA VAL A 95 8.10 -20.82 -5.56
C VAL A 95 9.57 -20.60 -5.84
N LYS A 96 10.43 -21.37 -5.18
CA LYS A 96 11.87 -21.24 -5.38
C LYS A 96 12.49 -22.60 -5.71
N LYS A 97 12.92 -22.75 -6.95
CA LYS A 97 13.52 -24.01 -7.40
C LYS A 97 14.93 -23.81 -7.94
N ASP A 98 15.78 -23.16 -7.16
CA ASP A 98 17.16 -22.92 -7.57
C ASP A 98 17.90 -24.23 -7.79
N GLN A 99 18.78 -24.26 -8.79
CA GLN A 99 19.55 -25.45 -9.10
C GLN A 99 21.04 -25.20 -8.95
N LYS B 45 18.38 18.21 37.28
CA LYS B 45 17.76 19.07 36.27
C LYS B 45 16.43 19.59 36.75
N LYS B 46 15.90 20.58 36.04
CA LYS B 46 14.65 21.22 36.43
C LYS B 46 13.84 21.51 35.18
N GLY B 47 12.53 21.30 35.26
CA GLY B 47 11.64 21.59 34.16
C GLY B 47 10.24 21.96 34.62
N VAL B 48 9.69 23.01 34.04
CA VAL B 48 8.30 23.42 34.32
C VAL B 48 7.63 23.63 32.98
N VAL B 49 6.50 22.96 32.74
CA VAL B 49 5.82 23.09 31.46
C VAL B 49 4.39 23.53 31.73
N HIS B 50 3.78 24.14 30.73
CA HIS B 50 2.33 24.33 30.72
C HIS B 50 1.62 23.26 29.91
N GLY B 51 2.33 22.59 29.03
CA GLY B 51 1.65 21.62 28.22
C GLY B 51 1.09 22.24 26.95
N VAL B 52 1.26 21.53 25.85
CA VAL B 52 1.73 20.16 25.86
C VAL B 52 3.23 20.07 25.53
N ALA B 53 4.02 19.53 26.44
CA ALA B 53 5.43 19.34 26.14
C ALA B 53 5.70 17.90 25.76
N THR B 54 6.95 17.65 25.35
CA THR B 54 7.49 16.30 25.21
C THR B 54 9.00 16.41 25.34
N VAL B 55 9.53 16.10 26.50
CA VAL B 55 10.92 16.39 26.84
C VAL B 55 11.62 15.07 27.03
N ALA B 56 12.85 14.94 26.54
CA ALA B 56 13.47 13.63 26.47
C ALA B 56 14.97 13.75 26.28
N GLU B 57 15.62 12.59 26.22
CA GLU B 57 16.99 12.45 25.78
C GLU B 57 17.13 11.07 25.13
N LYS B 58 18.03 10.98 24.14
CA LYS B 58 18.42 9.72 23.47
C LYS B 58 17.22 9.05 22.82
N THR B 59 16.40 9.83 22.14
CA THR B 59 15.05 9.42 21.81
C THR B 59 14.83 9.23 20.33
N LYS B 60 14.40 8.05 19.92
CA LYS B 60 14.38 7.82 18.47
C LYS B 60 13.23 8.55 17.77
N GLU B 61 12.03 8.57 18.34
CA GLU B 61 10.94 9.27 17.67
C GLU B 61 10.18 10.14 18.66
N GLN B 62 9.63 11.24 18.16
CA GLN B 62 8.86 12.19 18.96
C GLN B 62 7.76 12.79 18.14
N VAL B 63 6.57 12.89 18.72
CA VAL B 63 5.43 13.56 18.10
C VAL B 63 4.76 14.38 19.18
N THR B 64 4.46 15.64 18.87
CA THR B 64 3.64 16.48 19.73
C THR B 64 2.50 16.99 18.90
N ASN B 65 1.29 16.85 19.39
CA ASN B 65 0.16 17.27 18.58
C ASN B 65 -0.83 17.99 19.46
N VAL B 66 -1.43 19.04 18.90
CA VAL B 66 -2.65 19.66 19.39
C VAL B 66 -3.44 19.94 18.13
N GLY B 67 -4.55 19.26 17.89
CA GLY B 67 -5.26 19.55 16.66
C GLY B 67 -6.34 18.58 16.28
N GLY B 68 -6.32 18.10 15.04
CA GLY B 68 -5.13 18.00 14.20
C GLY B 68 -4.64 16.59 13.99
N ALA B 69 -3.77 16.40 13.01
CA ALA B 69 -3.33 15.07 12.64
C ALA B 69 -1.84 15.05 12.38
N VAL B 70 -1.21 13.93 12.74
CA VAL B 70 0.20 13.67 12.48
C VAL B 70 0.33 12.23 12.05
N VAL B 71 0.91 12.00 10.89
CA VAL B 71 1.14 10.65 10.38
C VAL B 71 2.63 10.49 10.15
N THR B 72 3.24 9.60 10.90
CA THR B 72 4.67 9.39 10.81
C THR B 72 5.00 7.94 10.57
N GLY B 73 4.02 7.06 10.58
CA GLY B 73 4.26 5.64 10.52
C GLY B 73 3.92 5.03 9.18
N VAL B 74 4.50 3.84 8.99
CA VAL B 74 4.32 3.08 7.76
C VAL B 74 2.87 2.64 7.66
N THR B 75 2.29 2.78 6.49
CA THR B 75 0.86 2.53 6.34
C THR B 75 0.59 2.07 4.92
N ALA B 76 -0.09 0.94 4.78
CA ALA B 76 -0.41 0.41 3.47
C ALA B 76 -1.89 0.10 3.43
N VAL B 77 -2.61 0.70 2.51
CA VAL B 77 -4.01 0.40 2.34
C VAL B 77 -4.20 -0.09 0.92
N ALA B 78 -4.74 -1.27 0.78
CA ALA B 78 -5.09 -1.79 -0.53
C ALA B 78 -6.58 -2.06 -0.51
N GLN B 79 -7.28 -1.63 -1.53
CA GLN B 79 -8.71 -1.60 -1.42
C GLN B 79 -9.31 -1.73 -2.81
N LYS B 80 -10.48 -2.37 -2.90
CA LYS B 80 -11.01 -2.76 -4.19
C LYS B 80 -12.35 -2.13 -4.52
N THR B 81 -13.21 -1.88 -3.53
CA THR B 81 -14.50 -1.26 -3.81
C THR B 81 -15.06 -0.67 -2.54
N VAL B 82 -15.45 0.59 -2.57
CA VAL B 82 -16.07 1.26 -1.44
C VAL B 82 -17.41 1.79 -1.90
N GLU B 83 -18.47 1.46 -1.17
CA GLU B 83 -19.81 1.91 -1.51
C GLU B 83 -20.48 2.37 -0.22
N GLY B 84 -21.76 2.71 -0.32
CA GLY B 84 -22.53 3.05 0.86
C GLY B 84 -22.41 4.52 1.23
N ALA B 85 -23.40 5.00 1.96
CA ALA B 85 -23.53 6.43 2.22
C ALA B 85 -23.94 6.67 3.67
N GLY B 86 -22.96 6.86 4.56
CA GLY B 86 -21.56 6.90 4.22
C GLY B 86 -20.72 6.17 5.24
N SER B 87 -19.88 5.27 4.75
CA SER B 87 -19.20 4.31 5.59
C SER B 87 -17.71 4.61 5.66
N ILE B 88 -17.19 4.72 6.88
CA ILE B 88 -15.75 4.92 7.05
C ILE B 88 -15.16 3.56 6.74
N ALA B 89 -14.52 3.46 5.58
CA ALA B 89 -13.97 2.18 5.11
C ALA B 89 -12.76 1.74 5.94
N ALA B 90 -11.63 2.41 5.78
CA ALA B 90 -10.43 2.04 6.51
C ALA B 90 -9.85 3.27 7.20
N ALA B 91 -10.11 3.39 8.50
CA ALA B 91 -9.63 4.52 9.26
C ALA B 91 -8.54 4.09 10.24
N THR B 92 -7.40 4.75 10.24
CA THR B 92 -6.36 4.38 11.18
C THR B 92 -6.38 5.24 12.42
N GLY B 93 -6.17 6.54 12.27
CA GLY B 93 -6.29 7.45 13.40
C GLY B 93 -7.34 8.45 13.05
N PHE B 94 -8.39 8.56 13.84
CA PHE B 94 -9.58 9.18 13.34
C PHE B 94 -10.28 9.85 14.50
N VAL B 95 -10.91 10.99 14.23
CA VAL B 95 -11.62 11.77 15.22
C VAL B 95 -12.73 12.54 14.52
N LYS B 96 -13.97 12.30 14.91
CA LYS B 96 -15.10 12.98 14.31
C LYS B 96 -15.97 13.64 15.37
N LYS B 97 -15.95 14.96 15.42
CA LYS B 97 -16.73 15.70 16.40
C LYS B 97 -17.68 16.70 15.74
N ASP B 98 -18.50 16.20 14.81
CA ASP B 98 -19.45 17.05 14.12
C ASP B 98 -20.47 17.65 15.09
N GLN B 99 -20.86 18.89 14.85
CA GLN B 99 -21.82 19.56 15.71
C GLN B 99 -23.09 19.93 14.95
N LYS C 45 16.09 15.57 40.83
CA LYS C 45 15.49 16.41 39.80
C LYS C 45 14.13 16.91 40.26
N LYS C 46 13.60 17.89 39.53
CA LYS C 46 12.33 18.50 39.88
C LYS C 46 11.53 18.77 38.62
N GLY C 47 10.23 18.53 38.68
CA GLY C 47 9.36 18.80 37.56
C GLY C 47 7.95 19.14 38.00
N VAL C 48 7.38 20.18 37.40
CA VAL C 48 5.99 20.56 37.64
C VAL C 48 5.33 20.77 36.29
N VAL C 49 4.22 20.07 36.05
CA VAL C 49 3.56 20.17 34.75
C VAL C 49 2.11 20.58 34.99
N HIS C 50 1.51 21.18 33.97
CA HIS C 50 0.06 21.34 33.93
C HIS C 50 -0.61 20.25 33.12
N GLY C 51 0.13 19.58 32.26
CA GLY C 51 -0.52 18.60 31.44
C GLY C 51 -1.07 19.20 30.16
N VAL C 52 -0.86 18.49 29.06
CA VAL C 52 -0.38 17.12 29.10
C VAL C 52 1.13 17.06 28.80
N ALA C 53 1.92 16.53 29.72
CA ALA C 53 3.34 16.38 29.45
C ALA C 53 3.65 14.95 29.08
N THR C 54 4.90 14.71 28.70
CA THR C 54 5.47 13.37 28.58
C THR C 54 6.97 13.51 28.73
N VAL C 55 7.49 13.22 29.91
CA VAL C 55 8.86 13.54 30.25
C VAL C 55 9.59 12.22 30.48
N ALA C 56 10.84 12.12 30.01
CA ALA C 56 11.48 10.82 29.96
C ALA C 56 12.98 10.97 29.80
N GLU C 57 13.64 9.82 29.76
CA GLU C 57 15.03 9.70 29.35
C GLU C 57 15.21 8.33 28.71
N LYS C 58 16.13 8.24 27.74
CA LYS C 58 16.55 6.99 27.09
C LYS C 58 15.38 6.29 26.41
N THR C 59 14.56 7.06 25.71
CA THR C 59 13.23 6.61 25.37
C THR C 59 13.03 6.41 23.88
N LYS C 60 12.62 5.21 23.47
CA LYS C 60 12.64 4.97 22.03
C LYS C 60 11.50 5.68 21.30
N GLU C 61 10.29 5.68 21.85
CA GLU C 61 9.19 6.35 21.15
C GLU C 61 8.40 7.21 22.12
N GLN C 62 7.83 8.30 21.60
CA GLN C 62 7.04 9.25 22.39
C GLN C 62 5.94 9.82 21.53
N VAL C 63 4.74 9.90 22.10
CA VAL C 63 3.60 10.54 21.45
C VAL C 63 2.89 11.36 22.51
N THR C 64 2.57 12.61 22.19
CA THR C 64 1.73 13.43 23.03
C THR C 64 0.58 13.93 22.18
N ASN C 65 -0.64 13.77 22.65
CA ASN C 65 -1.75 14.15 21.80
C ASN C 65 -2.77 14.86 22.66
N VAL C 66 -3.38 15.89 22.09
CA VAL C 66 -4.62 16.49 22.55
C VAL C 66 -5.38 16.75 21.28
N GLY C 67 -6.48 16.06 21.02
CA GLY C 67 -7.18 16.32 19.77
C GLY C 67 -8.23 15.32 19.38
N GLY C 68 -8.18 14.83 18.15
CA GLY C 68 -6.97 14.76 17.33
C GLY C 68 -6.46 13.35 17.14
N ALA C 69 -5.56 13.16 16.17
CA ALA C 69 -5.08 11.84 15.82
C ALA C 69 -3.58 11.85 15.59
N VAL C 70 -2.96 10.75 15.97
CA VAL C 70 -1.53 10.52 15.74
C VAL C 70 -1.37 9.07 15.32
N VAL C 71 -0.76 8.84 14.17
CA VAL C 71 -0.50 7.50 13.68
C VAL C 71 0.99 7.36 13.47
N THR C 72 1.61 6.49 14.24
CA THR C 72 3.05 6.31 14.19
C THR C 72 3.41 4.86 13.95
N GLY C 73 2.45 3.96 13.95
CA GLY C 73 2.71 2.55 13.90
C GLY C 73 2.42 1.92 12.57
N VAL C 74 3.02 0.75 12.38
CA VAL C 74 2.88 -0.03 11.18
C VAL C 74 1.44 -0.50 11.05
N THR C 75 0.87 -0.37 9.86
CA THR C 75 -0.54 -0.66 9.69
C THR C 75 -0.79 -1.14 8.27
N ALA C 76 -1.44 -2.27 8.12
CA ALA C 76 -1.73 -2.82 6.81
C ALA C 76 -3.19 -3.15 6.75
N VAL C 77 -3.91 -2.57 5.82
CA VAL C 77 -5.30 -2.91 5.62
C VAL C 77 -5.46 -3.40 4.20
N ALA C 78 -5.97 -4.60 4.05
CA ALA C 78 -6.29 -5.13 2.74
C ALA C 78 -7.77 -5.42 2.74
N GLN C 79 -8.46 -5.02 1.70
CA GLN C 79 -9.90 -5.02 1.78
C GLN C 79 -10.47 -5.18 0.38
N LYS C 80 -11.62 -5.84 0.28
CA LYS C 80 -12.12 -6.23 -1.03
C LYS C 80 -13.47 -5.63 -1.38
N THR C 81 -14.34 -5.40 -0.41
CA THR C 81 -15.65 -4.81 -0.71
C THR C 81 -16.23 -4.22 0.55
N VAL C 82 -16.66 -2.96 0.50
CA VAL C 82 -17.31 -2.30 1.61
C VAL C 82 -18.65 -1.79 1.11
N GLU C 83 -19.71 -2.14 1.82
CA GLU C 83 -21.05 -1.72 1.47
C GLU C 83 -21.76 -1.26 2.73
N GLY C 84 -23.04 -0.95 2.62
CA GLY C 84 -23.84 -0.61 3.78
C GLY C 84 -23.74 0.85 4.14
N ALA C 85 -24.77 1.32 4.85
CA ALA C 85 -24.92 2.76 5.09
C ALA C 85 -25.37 3.00 6.53
N GLY C 86 -24.41 3.20 7.44
CA GLY C 86 -23.00 3.27 7.13
C GLY C 86 -22.17 2.57 8.17
N SER C 87 -21.31 1.68 7.70
CA SER C 87 -20.62 0.74 8.56
C SER C 87 -19.14 1.06 8.65
N ILE C 88 -18.63 1.20 9.87
CA ILE C 88 -17.21 1.43 10.08
C ILE C 88 -16.58 0.08 9.77
N ALA C 89 -15.92 -0.03 8.63
CA ALA C 89 -15.34 -1.29 8.18
C ALA C 89 -14.15 -1.72 9.04
N ALA C 90 -13.03 -1.01 8.90
CA ALA C 90 -11.83 -1.35 9.65
C ALA C 90 -11.28 -0.12 10.35
N ALA C 91 -11.57 0.01 11.64
CA ALA C 91 -11.12 1.16 12.40
C ALA C 91 -10.05 0.75 13.41
N THR C 92 -8.92 1.44 13.42
CA THR C 92 -7.90 1.09 14.38
C THR C 92 -7.95 1.97 15.61
N GLY C 93 -7.77 3.26 15.47
CA GLY C 93 -7.91 4.17 16.58
C GLY C 93 -8.98 5.17 16.20
N PHE C 94 -10.05 5.25 16.98
CA PHE C 94 -11.25 5.84 16.44
C PHE C 94 -11.97 6.51 17.60
N VAL C 95 -12.62 7.63 17.30
CA VAL C 95 -13.37 8.41 18.28
C VAL C 95 -14.47 9.15 17.55
N LYS C 96 -15.71 8.89 17.92
CA LYS C 96 -16.85 9.54 17.29
C LYS C 96 -17.76 10.19 18.33
N LYS C 97 -17.75 11.51 18.37
CA LYS C 97 -18.57 12.25 19.33
C LYS C 97 -19.52 13.22 18.64
N ASP C 98 -20.31 12.71 17.71
CA ASP C 98 -21.27 13.54 16.99
C ASP C 98 -22.31 14.11 17.94
N GLN C 99 -22.73 15.34 17.68
CA GLN C 99 -23.71 16.00 18.53
C GLN C 99 -24.98 16.35 17.74
N LYS D 45 -23.13 -28.20 -26.40
CA LYS D 45 -21.94 -27.56 -26.96
C LYS D 45 -20.78 -28.53 -27.00
N LYS D 46 -19.73 -28.16 -27.72
CA LYS D 46 -18.57 -29.02 -27.90
C LYS D 46 -17.31 -28.17 -27.85
N GLY D 47 -16.28 -28.70 -27.20
CA GLY D 47 -15.01 -28.01 -27.12
C GLY D 47 -13.85 -28.97 -27.00
N VAL D 48 -12.79 -28.74 -27.77
CA VAL D 48 -11.55 -29.51 -27.68
C VAL D 48 -10.41 -28.53 -27.61
N VAL D 49 -9.57 -28.64 -26.58
CA VAL D 49 -8.47 -27.71 -26.41
C VAL D 49 -7.18 -28.51 -26.33
N HIS D 50 -6.06 -27.86 -26.67
CA HIS D 50 -4.75 -28.38 -26.34
C HIS D 50 -4.20 -27.78 -25.06
N GLY D 51 -4.72 -26.63 -24.65
CA GLY D 51 -4.15 -26.03 -23.48
C GLY D 51 -3.00 -25.10 -23.83
N VAL D 52 -2.98 -23.95 -23.17
CA VAL D 52 -3.85 -23.68 -22.04
C VAL D 52 -5.06 -22.83 -22.48
N ALA D 53 -6.26 -23.33 -22.26
CA ALA D 53 -7.43 -22.54 -22.58
C ALA D 53 -8.02 -21.94 -21.32
N THR D 54 -9.03 -21.10 -21.50
CA THR D 54 -9.90 -20.65 -20.41
C THR D 54 -11.22 -20.24 -21.04
N VAL D 55 -12.22 -21.11 -20.98
CA VAL D 55 -13.44 -20.95 -21.74
C VAL D 55 -14.57 -20.76 -20.76
N ALA D 56 -15.50 -19.86 -21.04
CA ALA D 56 -16.45 -19.44 -20.03
C ALA D 56 -17.64 -18.74 -20.65
N GLU D 57 -18.57 -18.35 -19.79
CA GLU D 57 -19.66 -17.45 -20.11
C GLU D 57 -20.01 -16.65 -18.86
N LYS D 58 -20.45 -15.40 -19.05
CA LYS D 58 -20.96 -14.52 -17.98
C LYS D 58 -19.91 -14.28 -16.91
N THR D 59 -18.69 -14.01 -17.33
CA THR D 59 -17.53 -14.15 -16.47
C THR D 59 -16.87 -12.82 -16.17
N LYS D 60 -16.73 -12.47 -14.90
CA LYS D 60 -16.26 -11.13 -14.61
C LYS D 60 -14.77 -10.95 -14.88
N GLU D 61 -13.92 -11.91 -14.51
CA GLU D 61 -12.50 -11.73 -14.76
C GLU D 61 -11.92 -13.00 -15.34
N GLN D 62 -10.87 -12.85 -16.17
CA GLN D 62 -10.19 -13.95 -16.82
C GLN D 62 -8.72 -13.63 -16.97
N VAL D 63 -7.88 -14.61 -16.68
CA VAL D 63 -6.44 -14.50 -16.89
C VAL D 63 -5.97 -15.82 -17.45
N THR D 64 -5.17 -15.77 -18.51
CA THR D 64 -4.50 -16.94 -19.05
C THR D 64 -3.03 -16.61 -19.11
N ASN D 65 -2.20 -17.49 -18.58
CA ASN D 65 -0.79 -17.18 -18.54
C ASN D 65 -0.02 -18.41 -18.91
N VAL D 66 1.06 -18.21 -19.66
CA VAL D 66 2.15 -19.15 -19.83
C VAL D 66 3.39 -18.29 -19.78
N GLY D 67 4.23 -18.40 -18.76
CA GLY D 67 5.39 -17.54 -18.74
C GLY D 67 6.14 -17.47 -17.43
N GLY D 68 6.41 -16.25 -16.95
CA GLY D 68 5.66 -15.05 -17.24
C GLY D 68 4.84 -14.54 -16.08
N ALA D 69 4.35 -13.30 -16.17
CA ALA D 69 3.68 -12.67 -15.06
C ALA D 69 2.46 -11.90 -15.55
N VAL D 70 1.42 -11.91 -14.74
CA VAL D 70 0.20 -11.14 -14.97
C VAL D 70 -0.24 -10.56 -13.65
N VAL D 71 -0.40 -9.24 -13.59
CA VAL D 71 -0.86 -8.56 -12.40
C VAL D 71 -2.12 -7.81 -12.76
N THR D 72 -3.23 -8.21 -12.16
CA THR D 72 -4.50 -7.59 -12.46
C THR D 72 -5.19 -7.11 -11.20
N GLY D 73 -4.63 -7.38 -10.04
CA GLY D 73 -5.30 -7.09 -8.79
C GLY D 73 -4.73 -5.91 -8.05
N VAL D 74 -5.54 -5.41 -7.14
CA VAL D 74 -5.21 -4.27 -6.31
C VAL D 74 -4.06 -4.64 -5.39
N THR D 75 -3.06 -3.78 -5.29
CA THR D 75 -1.86 -4.11 -4.55
C THR D 75 -1.26 -2.86 -3.97
N ALA D 76 -1.00 -2.85 -2.67
CA ALA D 76 -0.41 -1.69 -2.03
C ALA D 76 0.77 -2.15 -1.21
N VAL D 77 1.94 -1.61 -1.50
CA VAL D 77 3.12 -1.92 -0.72
C VAL D 77 3.63 -0.62 -0.15
N ALA D 78 3.76 -0.56 1.15
CA ALA D 78 4.38 0.58 1.81
C ALA D 78 5.56 0.06 2.57
N GLN D 79 6.69 0.72 2.45
CA GLN D 79 7.91 0.11 2.92
C GLN D 79 8.89 1.20 3.31
N LYS D 80 9.72 0.94 4.31
CA LYS D 80 10.53 1.99 4.89
C LYS D 80 12.03 1.75 4.78
N THR D 81 12.49 0.51 4.81
CA THR D 81 13.91 0.25 4.69
C THR D 81 14.13 -1.19 4.29
N VAL D 82 14.91 -1.42 3.23
CA VAL D 82 15.27 -2.76 2.79
C VAL D 82 16.78 -2.86 2.77
N GLU D 83 17.32 -3.87 3.42
CA GLU D 83 18.75 -4.08 3.48
C GLU D 83 19.02 -5.56 3.24
N GLY D 84 20.27 -5.96 3.36
CA GLY D 84 20.63 -7.36 3.28
C GLY D 84 20.87 -7.80 1.84
N ALA D 85 21.64 -8.88 1.71
CA ALA D 85 22.13 -9.30 0.40
C ALA D 85 22.04 -10.82 0.27
N GLY D 86 20.93 -11.32 -0.27
CA GLY D 86 19.84 -10.51 -0.79
C GLY D 86 18.51 -11.09 -0.44
N SER D 87 17.65 -10.26 0.13
CA SER D 87 16.43 -10.70 0.78
C SER D 87 15.21 -10.27 -0.03
N ILE D 88 14.34 -11.21 -0.36
CA ILE D 88 13.11 -10.89 -1.06
C ILE D 88 12.25 -10.26 0.03
N ALA D 89 12.08 -8.94 -0.06
CA ALA D 89 11.35 -8.19 0.96
C ALA D 89 9.85 -8.49 0.94
N ALA D 90 9.16 -8.01 -0.09
CA ALA D 90 7.72 -8.23 -0.18
C ALA D 90 7.36 -8.78 -1.55
N ALA D 91 7.17 -10.09 -1.62
CA ALA D 91 6.84 -10.74 -2.88
C ALA D 91 5.40 -11.23 -2.88
N THR D 92 4.64 -10.89 -3.90
CA THR D 92 3.26 -11.35 -3.94
C THR D 92 3.11 -12.60 -4.79
N GLY D 93 3.42 -12.51 -6.07
CA GLY D 93 3.41 -13.69 -6.93
C GLY D 93 4.79 -13.84 -7.49
N PHE D 94 5.44 -14.96 -7.25
CA PHE D 94 6.88 -14.97 -7.40
C PHE D 94 7.28 -16.36 -7.83
N VAL D 95 8.31 -16.44 -8.67
CA VAL D 95 8.83 -17.70 -9.18
C VAL D 95 10.30 -17.51 -9.50
N LYS D 96 11.15 -18.29 -8.86
CA LYS D 96 12.59 -18.20 -9.08
C LYS D 96 13.17 -19.55 -9.42
N LYS D 97 13.58 -19.72 -10.68
CA LYS D 97 14.15 -20.98 -11.14
C LYS D 97 15.55 -20.80 -11.71
N ASP D 98 16.43 -20.18 -10.94
CA ASP D 98 17.81 -19.95 -11.39
C ASP D 98 18.52 -21.28 -11.62
N GLN D 99 19.37 -21.31 -12.64
CA GLN D 99 20.11 -22.52 -12.97
C GLN D 99 21.62 -22.30 -12.84
N LYS E 45 22.90 23.25 30.12
CA LYS E 45 22.30 24.14 29.15
C LYS E 45 21.00 24.72 29.68
N LYS E 46 20.49 25.74 29.01
CA LYS E 46 19.28 26.43 29.45
C LYS E 46 18.45 26.77 28.23
N GLY E 47 17.13 26.61 28.36
CA GLY E 47 16.21 26.95 27.30
C GLY E 47 14.86 27.37 27.81
N VAL E 48 14.32 28.46 27.27
CA VAL E 48 12.97 28.91 27.59
C VAL E 48 12.26 29.18 26.27
N VAL E 49 11.10 28.56 26.07
CA VAL E 49 10.37 28.74 24.82
C VAL E 49 8.97 29.23 25.14
N HIS E 50 8.34 29.88 24.18
CA HIS E 50 6.92 30.12 24.22
C HIS E 50 6.14 29.09 23.42
N GLY E 51 6.80 28.41 22.51
CA GLY E 51 6.04 27.49 21.70
C GLY E 51 5.46 28.15 20.47
N VAL E 52 5.57 27.45 19.34
CA VAL E 52 5.97 26.06 19.33
C VAL E 52 7.45 25.92 18.95
N ALA E 53 8.25 25.32 19.82
CA ALA E 53 9.64 25.09 19.46
C ALA E 53 9.85 23.65 19.05
N THR E 54 11.07 23.36 18.60
CA THR E 54 11.54 21.98 18.42
C THR E 54 13.06 22.02 18.50
N VAL E 55 13.62 21.68 19.63
CA VAL E 55 15.03 21.90 19.91
C VAL E 55 15.68 20.54 20.07
N ALA E 56 16.89 20.38 19.53
CA ALA E 56 17.44 19.05 19.42
C ALA E 56 18.94 19.11 19.18
N GLU E 57 19.53 17.92 19.08
CA GLU E 57 20.89 17.72 18.60
C GLU E 57 20.95 16.36 17.93
N LYS E 58 21.82 16.25 16.90
CA LYS E 58 22.12 14.99 16.21
C LYS E 58 20.88 14.37 15.58
N THR E 59 20.07 15.20 14.95
CA THR E 59 18.70 14.85 14.66
C THR E 59 18.41 14.70 13.18
N LYS E 60 17.91 13.53 12.76
CA LYS E 60 17.84 13.33 11.32
C LYS E 60 16.69 14.11 10.68
N GLU E 61 15.52 14.19 11.29
CA GLU E 61 14.44 14.93 10.65
C GLU E 61 13.75 15.82 11.68
N GLN E 62 13.22 16.95 11.23
CA GLN E 62 12.53 17.92 12.06
C GLN E 62 11.42 18.57 11.29
N VAL E 63 10.26 18.72 11.92
CA VAL E 63 9.13 19.44 11.35
C VAL E 63 8.53 20.28 12.46
N THR E 64 8.28 21.55 12.18
CA THR E 64 7.52 22.40 13.08
C THR E 64 6.37 22.98 12.29
N ASN E 65 5.17 22.89 12.84
CA ASN E 65 4.03 23.35 12.07
C ASN E 65 3.11 24.11 12.99
N VAL E 66 2.53 25.18 12.47
CA VAL E 66 1.35 25.84 13.00
C VAL E 66 0.55 26.18 11.78
N GLY E 67 -0.60 25.55 11.57
CA GLY E 67 -1.34 25.89 10.37
C GLY E 67 -2.48 24.97 10.01
N GLY E 68 -2.52 24.51 8.76
CA GLY E 68 -1.37 24.37 7.88
C GLY E 68 -0.94 22.95 7.64
N ALA E 69 -0.11 22.73 6.62
CA ALA E 69 0.26 21.39 6.21
C ALA E 69 1.74 21.31 5.91
N VAL E 70 2.33 20.17 6.23
CA VAL E 70 3.71 19.86 5.92
C VAL E 70 3.77 18.41 5.46
N VAL E 71 4.30 18.17 4.28
CA VAL E 71 4.45 16.83 3.74
C VAL E 71 5.93 16.61 3.46
N THR E 72 6.54 15.69 4.17
CA THR E 72 7.94 15.42 4.03
C THR E 72 8.21 13.96 3.75
N GLY E 73 7.18 13.12 3.78
CA GLY E 73 7.37 11.70 3.70
C GLY E 73 6.96 11.12 2.37
N VAL E 74 7.49 9.91 2.13
CA VAL E 74 7.23 9.17 0.90
C VAL E 74 5.76 8.80 0.85
N THR E 75 5.13 8.99 -0.30
CA THR E 75 3.70 8.80 -0.41
C THR E 75 3.36 8.37 -1.82
N ALA E 76 2.63 7.28 -1.95
CA ALA E 76 2.25 6.78 -3.26
C ALA E 76 0.76 6.53 -3.25
N VAL E 77 0.03 7.17 -4.13
CA VAL E 77 -1.38 6.93 -4.26
C VAL E 77 -1.64 6.47 -5.68
N ALA E 78 -2.24 5.31 -5.83
CA ALA E 78 -2.66 4.84 -7.12
C ALA E 78 -4.15 4.64 -7.05
N GLN E 79 -4.87 5.11 -8.05
CA GLN E 79 -6.30 5.18 -7.89
C GLN E 79 -6.95 5.10 -9.26
N LYS E 80 -8.14 4.51 -9.32
CA LYS E 80 -8.74 4.18 -10.60
C LYS E 80 -10.06 4.86 -10.86
N THR E 81 -10.86 5.12 -9.84
CA THR E 81 -12.14 5.80 -10.07
C THR E 81 -12.63 6.39 -8.77
N VAL E 82 -12.97 7.67 -8.77
CA VAL E 82 -13.53 8.35 -7.61
C VAL E 82 -14.86 8.95 -8.01
N GLU E 83 -15.90 8.64 -7.26
CA GLU E 83 -17.24 9.16 -7.53
C GLU E 83 -17.83 9.62 -6.22
N GLY E 84 -19.10 10.02 -6.26
CA GLY E 84 -19.82 10.36 -5.06
C GLY E 84 -19.62 11.82 -4.67
N ALA E 85 -20.57 12.33 -3.89
CA ALA E 85 -20.62 13.77 -3.62
C ALA E 85 -20.98 14.00 -2.15
N GLY E 86 -19.97 14.13 -1.29
CA GLY E 86 -18.57 14.12 -1.68
C GLY E 86 -17.73 13.34 -0.70
N SER E 87 -16.95 12.41 -1.22
CA SER E 87 -16.28 11.40 -0.43
C SER E 87 -14.78 11.65 -0.40
N ILE E 88 -14.20 11.72 0.79
CA ILE E 88 -12.76 11.86 0.92
C ILE E 88 -12.24 10.48 0.56
N ALA E 89 -11.64 10.36 -0.61
CA ALA E 89 -11.16 9.08 -1.12
C ALA E 89 -9.95 8.56 -0.35
N ALA E 90 -8.80 9.21 -0.52
CA ALA E 90 -7.59 8.77 0.16
C ALA E 90 -6.94 9.96 0.84
N ALA E 91 -7.15 10.08 2.15
CA ALA E 91 -6.59 11.17 2.91
C ALA E 91 -5.49 10.67 3.85
N THR E 92 -4.33 11.29 3.82
CA THR E 92 -3.27 10.86 4.71
C THR E 92 -3.21 11.71 5.97
N GLY E 93 -2.95 13.00 5.83
CA GLY E 93 -2.99 13.89 6.97
C GLY E 93 -4.01 14.94 6.67
N PHE E 94 -5.03 15.08 7.50
CA PHE E 94 -6.21 15.76 7.04
C PHE E 94 -6.83 16.44 8.25
N VAL E 95 -7.42 17.61 8.02
CA VAL E 95 -8.07 18.40 9.04
C VAL E 95 -9.17 19.22 8.39
N LYS E 96 -10.40 19.03 8.82
CA LYS E 96 -11.53 19.76 8.27
C LYS E 96 -12.33 20.44 9.37
N LYS E 97 -12.25 21.76 9.44
CA LYS E 97 -12.97 22.52 10.45
C LYS E 97 -13.90 23.56 9.84
N ASP E 98 -14.76 23.12 8.94
CA ASP E 98 -15.71 24.02 8.28
C ASP E 98 -16.66 24.63 9.31
N GLN E 99 -17.02 25.89 9.10
CA GLN E 99 -17.92 26.59 10.00
C GLN E 99 -19.19 27.03 9.30
N LYS F 45 20.62 20.80 33.72
CA LYS F 45 20.02 21.67 32.72
C LYS F 45 18.70 22.22 33.23
N LYS F 46 18.18 23.23 32.54
CA LYS F 46 16.95 23.89 32.95
C LYS F 46 16.12 24.21 31.72
N GLY F 47 14.81 24.01 31.83
CA GLY F 47 13.90 24.33 30.75
C GLY F 47 12.54 24.72 31.24
N VAL F 48 11.98 25.79 30.68
CA VAL F 48 10.62 26.21 30.97
C VAL F 48 9.91 26.47 29.65
N VAL F 49 8.78 25.82 29.44
CA VAL F 49 8.07 25.96 28.17
C VAL F 49 6.65 26.42 28.47
N HIS F 50 6.03 27.06 27.48
CA HIS F 50 4.59 27.28 27.50
C HIS F 50 3.85 26.22 26.69
N GLY F 51 4.53 25.54 25.80
CA GLY F 51 3.81 24.60 24.99
C GLY F 51 3.25 25.23 23.74
N VAL F 52 3.38 24.52 22.62
CA VAL F 52 3.82 23.15 22.63
C VAL F 52 5.30 23.04 22.27
N ALA F 53 6.10 22.47 23.15
CA ALA F 53 7.51 22.26 22.83
C ALA F 53 7.75 20.82 22.43
N THR F 54 8.98 20.55 22.00
CA THR F 54 9.49 19.19 21.84
C THR F 54 11.01 19.27 21.93
N VAL F 55 11.55 18.94 23.10
CA VAL F 55 12.95 19.20 23.40
C VAL F 55 13.63 17.85 23.58
N ALA F 56 14.85 17.72 23.05
CA ALA F 56 15.44 16.40 22.96
C ALA F 56 16.94 16.49 22.75
N GLU F 57 17.56 15.32 22.67
CA GLU F 57 18.93 15.15 22.21
C GLU F 57 19.03 13.78 21.54
N LYS F 58 19.91 13.68 20.53
CA LYS F 58 20.26 12.42 19.85
C LYS F 58 19.04 11.77 19.21
N THR F 59 18.22 12.57 18.56
CA THR F 59 16.86 12.20 18.25
C THR F 59 16.61 12.02 16.77
N LYS F 60 16.14 10.84 16.35
CA LYS F 60 16.09 10.62 14.91
C LYS F 60 14.95 11.38 14.24
N GLU F 61 13.76 11.43 14.83
CA GLU F 61 12.67 12.15 14.19
C GLU F 61 11.95 13.02 15.19
N GLN F 62 11.40 14.14 14.71
CA GLN F 62 10.67 15.10 15.53
C GLN F 62 9.56 15.74 14.74
N VAL F 63 8.39 15.85 15.34
CA VAL F 63 7.26 16.54 14.75
C VAL F 63 6.62 17.37 15.85
N THR F 64 6.34 18.63 15.55
CA THR F 64 5.55 19.47 16.43
C THR F 64 4.40 20.02 15.63
N ASN F 65 3.19 19.91 16.14
CA ASN F 65 2.06 20.35 15.35
C ASN F 65 1.11 21.09 16.26
N VAL F 66 0.51 22.14 15.72
CA VAL F 66 -0.69 22.77 16.22
C VAL F 66 -1.48 23.08 14.99
N GLY F 67 -2.62 22.44 14.76
CA GLY F 67 -3.35 22.75 13.55
C GLY F 67 -4.46 21.80 13.18
N GLY F 68 -4.46 21.33 11.93
CA GLY F 68 -3.29 21.21 11.08
C GLY F 68 -2.84 19.79 10.85
N ALA F 69 -1.98 19.59 9.85
CA ALA F 69 -1.57 18.26 9.45
C ALA F 69 -0.08 18.20 9.18
N VAL F 70 0.52 17.07 9.52
CA VAL F 70 1.91 16.79 9.22
C VAL F 70 2.02 15.35 8.79
N VAL F 71 2.57 15.11 7.61
CA VAL F 71 2.76 13.77 7.09
C VAL F 71 4.24 13.59 6.83
N THR F 72 4.85 12.67 7.56
CA THR F 72 6.28 12.45 7.44
C THR F 72 6.58 10.98 7.19
N GLY F 73 5.57 10.12 7.21
CA GLY F 73 5.79 8.70 7.13
C GLY F 73 5.42 8.10 5.80
N VAL F 74 5.96 6.92 5.58
CA VAL F 74 5.75 6.16 4.37
C VAL F 74 4.29 5.75 4.28
N THR F 75 3.69 5.91 3.12
CA THR F 75 2.26 5.69 2.99
C THR F 75 1.94 5.24 1.59
N ALA F 76 1.25 4.12 1.44
CA ALA F 76 0.89 3.62 0.13
C ALA F 76 -0.58 3.33 0.12
N VAL F 77 -1.31 3.95 -0.78
CA VAL F 77 -2.73 3.67 -0.92
C VAL F 77 -2.95 3.20 -2.34
N ALA F 78 -3.51 2.03 -2.49
CA ALA F 78 -3.91 1.54 -3.80
C ALA F 78 -5.39 1.30 -3.75
N GLN F 79 -6.11 1.75 -4.76
CA GLN F 79 -7.54 1.80 -4.62
C GLN F 79 -8.16 1.68 -6.00
N LYS F 80 -9.33 1.07 -6.07
CA LYS F 80 -9.91 0.71 -7.36
C LYS F 80 -11.24 1.37 -7.65
N THR F 81 -12.07 1.62 -6.65
CA THR F 81 -13.36 2.27 -6.90
C THR F 81 -13.88 2.86 -5.61
N VAL F 82 -14.25 4.13 -5.63
CA VAL F 82 -14.84 4.80 -4.48
C VAL F 82 -16.17 5.36 -4.91
N GLU F 83 -17.23 5.05 -4.17
CA GLU F 83 -18.57 5.53 -4.48
C GLU F 83 -19.20 5.99 -3.17
N GLY F 84 -20.47 6.35 -3.24
CA GLY F 84 -21.21 6.69 -2.05
C GLY F 84 -21.06 8.16 -1.67
N ALA F 85 -22.03 8.65 -0.92
CA ALA F 85 -22.13 10.09 -0.65
C ALA F 85 -22.51 10.32 0.82
N GLY F 86 -21.51 10.49 1.68
CA GLY F 86 -20.11 10.50 1.32
C GLY F 86 -19.27 9.75 2.31
N SER F 87 -18.46 8.84 1.81
CA SER F 87 -17.77 7.85 2.63
C SER F 87 -16.27 8.12 2.68
N ILE F 88 -15.73 8.22 3.88
CA ILE F 88 -14.29 8.40 4.03
C ILE F 88 -13.73 7.02 3.69
N ALA F 89 -13.12 6.91 2.52
CA ALA F 89 -12.60 5.64 2.04
C ALA F 89 -11.39 5.16 2.83
N ALA F 90 -10.25 5.81 2.67
CA ALA F 90 -9.04 5.41 3.36
C ALA F 90 -8.42 6.62 4.06
N ALA F 91 -8.65 6.74 5.36
CA ALA F 91 -8.13 7.86 6.12
C ALA F 91 -7.05 7.39 7.08
N THR F 92 -5.89 8.05 7.06
CA THR F 92 -4.84 7.63 7.97
C THR F 92 -4.82 8.50 9.23
N GLY F 93 -4.59 9.79 9.09
CA GLY F 93 -4.67 10.69 10.22
C GLY F 93 -5.71 11.72 9.90
N PHE F 94 -6.75 11.84 10.71
CA PHE F 94 -7.93 12.49 10.22
C PHE F 94 -8.59 13.16 11.42
N VAL F 95 -9.21 14.31 11.16
CA VAL F 95 -9.88 15.10 12.18
C VAL F 95 -10.98 15.89 11.49
N LYS F 96 -12.22 15.68 11.92
CA LYS F 96 -13.36 16.38 11.34
C LYS F 96 -14.19 17.05 12.42
N LYS F 97 -14.14 18.37 12.47
CA LYS F 97 -14.89 19.12 13.47
C LYS F 97 -15.83 20.14 12.84
N ASP F 98 -16.67 19.67 11.92
CA ASP F 98 -17.63 20.54 11.24
C ASP F 98 -18.61 21.14 12.25
N GLN F 99 -18.99 22.40 12.03
CA GLN F 99 -19.93 23.08 12.91
C GLN F 99 -21.20 23.48 12.18
N LYS G 45 25.09 25.78 26.58
CA LYS G 45 24.50 26.69 25.63
C LYS G 45 23.21 27.29 26.19
N LYS G 46 22.72 28.33 25.53
CA LYS G 46 21.53 29.03 25.99
C LYS G 46 20.67 29.39 24.79
N GLY G 47 19.36 29.25 24.95
CA GLY G 47 18.43 29.63 23.90
C GLY G 47 17.09 30.07 24.44
N VAL G 48 16.57 31.16 23.91
CA VAL G 48 15.23 31.65 24.26
C VAL G 48 14.50 31.94 22.96
N VAL G 49 13.33 31.34 22.78
CA VAL G 49 12.58 31.53 21.54
C VAL G 49 11.20 32.05 21.90
N HIS G 50 10.57 32.73 20.93
CA HIS G 50 9.14 33.00 21.00
C HIS G 50 8.33 32.00 20.21
N GLY G 51 8.96 31.30 19.28
CA GLY G 51 8.17 30.40 18.49
C GLY G 51 7.59 31.07 17.27
N VAL G 52 7.66 30.38 16.13
CA VAL G 52 8.04 28.98 16.11
C VAL G 52 9.51 28.81 15.70
N ALA G 53 10.31 28.20 16.54
CA ALA G 53 11.69 27.94 16.17
C ALA G 53 11.86 26.49 15.74
N THR G 54 13.06 26.18 15.27
CA THR G 54 13.51 24.81 15.07
C THR G 54 15.03 24.82 15.12
N VAL G 55 15.60 24.45 16.25
CA VAL G 55 17.02 24.65 16.51
C VAL G 55 17.65 23.28 16.66
N ALA G 56 18.84 23.10 16.09
CA ALA G 56 19.38 21.75 15.95
C ALA G 56 20.87 21.78 15.69
N GLU G 57 21.43 20.59 15.57
CA GLU G 57 22.78 20.36 15.08
C GLU G 57 22.80 19.01 14.38
N LYS G 58 23.64 18.88 13.35
CA LYS G 58 23.91 17.62 12.63
C LYS G 58 22.64 17.02 12.03
N THR G 59 21.85 17.88 11.41
CA THR G 59 20.45 17.56 11.15
C THR G 59 20.15 17.42 9.68
N LYS G 60 19.62 16.27 9.25
CA LYS G 60 19.51 16.08 7.82
C LYS G 60 18.38 16.89 7.19
N GLU G 61 17.21 16.98 7.82
CA GLU G 61 16.13 17.75 7.22
C GLU G 61 15.48 18.64 8.27
N GLN G 62 14.97 19.78 7.82
CA GLN G 62 14.31 20.76 8.68
C GLN G 62 13.20 21.45 7.93
N VAL G 63 12.06 21.60 8.57
CA VAL G 63 10.94 22.36 8.03
C VAL G 63 10.36 23.20 9.16
N THR G 64 10.12 24.47 8.89
CA THR G 64 9.41 25.34 9.80
C THR G 64 8.25 25.94 9.05
N ASN G 65 7.07 25.87 9.60
CA ASN G 65 5.93 26.36 8.85
C ASN G 65 5.03 27.13 9.81
N VAL G 66 4.46 28.22 9.30
CA VAL G 66 3.31 28.89 9.85
C VAL G 66 2.49 29.25 8.65
N GLY G 67 1.32 28.65 8.46
CA GLY G 67 0.56 29.01 7.27
C GLY G 67 -0.59 28.12 6.92
N GLY G 68 -0.66 27.66 5.68
CA GLY G 68 0.47 27.51 4.78
C GLY G 68 0.86 26.08 4.51
N ALA G 69 1.68 25.86 3.49
CA ALA G 69 2.01 24.51 3.06
C ALA G 69 3.48 24.40 2.74
N VAL G 70 4.05 23.24 3.04
CA VAL G 70 5.43 22.91 2.69
C VAL G 70 5.45 21.47 2.24
N VAL G 71 5.95 21.23 1.03
CA VAL G 71 6.07 19.89 0.49
C VAL G 71 7.54 19.64 0.18
N THR G 72 8.14 18.70 0.88
CA THR G 72 9.54 18.41 0.72
C THR G 72 9.77 16.94 0.42
N GLY G 73 8.73 16.12 0.46
CA GLY G 73 8.88 14.70 0.36
C GLY G 73 8.45 14.13 -0.96
N VAL G 74 8.94 12.93 -1.22
CA VAL G 74 8.64 12.20 -2.44
C VAL G 74 7.18 11.85 -2.48
N THR G 75 6.53 12.06 -3.61
CA THR G 75 5.09 11.89 -3.69
C THR G 75 4.72 11.48 -5.10
N ALA G 76 3.97 10.40 -5.23
CA ALA G 76 3.55 9.93 -6.53
C ALA G 76 2.05 9.70 -6.50
N VAL G 77 1.33 10.37 -7.37
CA VAL G 77 -0.10 10.16 -7.47
C VAL G 77 -0.39 9.71 -8.89
N ALA G 78 -1.01 8.56 -9.04
CA ALA G 78 -1.46 8.10 -10.33
C ALA G 78 -2.96 7.92 -10.23
N GLN G 79 -3.68 8.42 -11.21
CA GLN G 79 -5.11 8.53 -11.03
C GLN G 79 -5.79 8.46 -12.38
N LYS G 80 -6.98 7.90 -12.42
CA LYS G 80 -7.61 7.58 -13.70
C LYS G 80 -8.91 8.30 -13.93
N THR G 81 -9.71 8.57 -12.90
CA THR G 81 -10.96 9.27 -13.10
C THR G 81 -11.42 9.86 -11.79
N VAL G 82 -11.74 11.15 -11.77
CA VAL G 82 -12.27 11.83 -10.60
C VAL G 82 -13.60 12.45 -10.98
N GLU G 83 -14.63 12.17 -10.21
CA GLU G 83 -15.95 12.71 -10.46
C GLU G 83 -16.52 13.18 -9.14
N GLY G 84 -17.78 13.59 -9.15
CA GLY G 84 -18.47 13.94 -7.93
C GLY G 84 -18.23 15.39 -7.53
N ALA G 85 -19.16 15.92 -6.75
CA ALA G 85 -19.19 17.35 -6.46
C ALA G 85 -19.51 17.59 -4.98
N GLY G 86 -18.48 17.69 -4.14
CA GLY G 86 -17.09 17.66 -4.55
C GLY G 86 -16.25 16.85 -3.59
N SER G 87 -15.49 15.92 -4.14
CA SER G 87 -14.83 14.89 -3.36
C SER G 87 -13.32 15.11 -3.35
N ILE G 88 -12.73 15.15 -2.17
CA ILE G 88 -11.28 15.27 -2.07
C ILE G 88 -10.79 13.88 -2.44
N ALA G 89 -10.22 13.76 -3.63
CA ALA G 89 -9.77 12.47 -4.15
C ALA G 89 -8.56 11.93 -3.40
N ALA G 90 -7.40 12.54 -3.60
CA ALA G 90 -6.19 12.08 -2.95
C ALA G 90 -5.49 13.26 -2.25
N ALA G 91 -5.68 13.36 -0.94
CA ALA G 91 -5.09 14.45 -0.19
C ALA G 91 -3.99 13.92 0.72
N THR G 92 -2.81 14.52 0.67
CA THR G 92 -1.75 14.07 1.56
C THR G 92 -1.65 14.90 2.82
N GLY G 93 -1.37 16.18 2.68
CA GLY G 93 -1.37 17.07 3.83
C GLY G 93 -2.38 18.15 3.56
N PHE G 94 -3.38 18.30 4.41
CA PHE G 94 -4.55 19.00 3.97
C PHE G 94 -5.15 19.69 5.19
N VAL G 95 -5.72 20.86 4.96
CA VAL G 95 -6.32 21.66 6.01
C VAL G 95 -7.42 22.51 5.38
N LYS G 96 -8.65 22.34 5.84
CA LYS G 96 -9.78 23.10 5.31
C LYS G 96 -10.55 23.78 6.43
N LYS G 97 -10.43 25.11 6.50
CA LYS G 97 -11.12 25.88 7.53
C LYS G 97 -12.03 26.94 6.95
N ASP G 98 -12.92 26.52 6.05
CA ASP G 98 -13.86 27.44 5.43
C ASP G 98 -14.78 28.07 6.47
N GLN G 99 -15.12 29.33 6.27
CA GLN G 99 -15.99 30.04 7.19
C GLN G 99 -17.27 30.51 6.51
N LYS H 45 -22.67 -20.41 -32.69
CA LYS H 45 -21.47 -19.80 -33.29
C LYS H 45 -20.36 -20.83 -33.39
N LYS H 46 -19.32 -20.49 -34.14
CA LYS H 46 -18.20 -21.39 -34.36
C LYS H 46 -16.91 -20.59 -34.35
N GLY H 47 -15.88 -21.18 -33.73
CA GLY H 47 -14.58 -20.54 -33.70
C GLY H 47 -13.45 -21.55 -33.64
N VAL H 48 -12.42 -21.35 -34.44
CA VAL H 48 -11.22 -22.18 -34.40
C VAL H 48 -10.02 -21.25 -34.35
N VAL H 49 -9.16 -21.42 -33.35
CA VAL H 49 -8.01 -20.53 -33.21
C VAL H 49 -6.75 -21.38 -33.19
N HIS H 50 -5.63 -20.77 -33.55
CA HIS H 50 -4.32 -21.35 -33.28
C HIS H 50 -3.71 -20.78 -32.01
N GLY H 51 -4.17 -19.63 -31.57
CA GLY H 51 -3.52 -19.07 -30.40
C GLY H 51 -2.35 -18.19 -30.78
N VAL H 52 -2.26 -17.04 -30.11
CA VAL H 52 -3.08 -16.75 -28.96
C VAL H 52 -4.27 -15.85 -29.33
N ALA H 53 -5.48 -16.31 -29.09
CA ALA H 53 -6.63 -15.46 -29.35
C ALA H 53 -7.15 -14.86 -28.06
N THR H 54 -8.13 -13.98 -28.19
CA THR H 54 -8.94 -13.50 -27.07
C THR H 54 -10.26 -13.03 -27.65
N VAL H 55 -11.29 -13.86 -27.56
CA VAL H 55 -12.54 -13.64 -28.27
C VAL H 55 -13.63 -13.41 -27.25
N ALA H 56 -14.52 -12.47 -27.50
CA ALA H 56 -15.41 -12.02 -26.45
C ALA H 56 -16.60 -11.28 -27.02
N GLU H 57 -17.48 -10.85 -26.11
CA GLU H 57 -18.54 -9.90 -26.39
C GLU H 57 -18.80 -9.11 -25.11
N LYS H 58 -19.21 -7.85 -25.27
CA LYS H 58 -19.64 -6.96 -24.18
C LYS H 58 -18.55 -6.77 -23.13
N THR H 59 -17.33 -6.55 -23.60
CA THR H 59 -16.15 -6.74 -22.78
C THR H 59 -15.42 -5.46 -22.48
N LYS H 60 -15.23 -5.14 -21.20
CA LYS H 60 -14.70 -3.81 -20.92
C LYS H 60 -13.21 -3.69 -21.24
N GLU H 61 -12.39 -4.69 -20.92
CA GLU H 61 -10.96 -4.57 -21.20
C GLU H 61 -10.45 -5.86 -21.83
N GLN H 62 -9.44 -5.73 -22.69
CA GLN H 62 -8.82 -6.86 -23.38
C GLN H 62 -7.35 -6.60 -23.57
N VAL H 63 -6.54 -7.61 -23.32
CA VAL H 63 -5.11 -7.55 -23.58
C VAL H 63 -4.71 -8.89 -24.20
N THR H 64 -3.96 -8.85 -25.28
CA THR H 64 -3.35 -10.03 -25.84
C THR H 64 -1.87 -9.78 -25.96
N ASN H 65 -1.06 -10.69 -25.47
CA ASN H 65 0.37 -10.43 -25.47
C ASN H 65 1.08 -11.71 -25.89
N VAL H 66 2.14 -11.53 -26.66
CA VAL H 66 3.18 -12.52 -26.88
C VAL H 66 4.45 -11.71 -26.87
N GLY H 67 5.31 -11.86 -25.87
CA GLY H 67 6.51 -11.05 -25.89
C GLY H 67 7.31 -11.03 -24.61
N GLY H 68 7.65 -9.84 -24.12
CA GLY H 68 6.93 -8.60 -24.37
C GLY H 68 6.18 -8.08 -23.17
N ALA H 69 5.75 -6.82 -23.23
CA ALA H 69 5.14 -6.17 -22.08
C ALA H 69 3.94 -5.35 -22.52
N VAL H 70 2.92 -5.33 -21.67
CA VAL H 70 1.73 -4.51 -21.85
C VAL H 70 1.36 -3.92 -20.50
N VAL H 71 1.26 -2.60 -20.43
CA VAL H 71 0.87 -1.93 -19.20
C VAL H 71 -0.37 -1.11 -19.52
N THR H 72 -1.48 -1.47 -18.89
CA THR H 72 -2.73 -0.80 -19.13
C THR H 72 -3.35 -0.31 -17.84
N GLY H 73 -2.77 -0.61 -16.70
CA GLY H 73 -3.38 -0.33 -15.43
C GLY H 73 -2.73 0.82 -14.70
N VAL H 74 -3.50 1.34 -13.75
CA VAL H 74 -3.08 2.45 -12.92
C VAL H 74 -1.92 2.02 -12.05
N THR H 75 -0.89 2.85 -11.96
CA THR H 75 0.33 2.44 -11.27
C THR H 75 1.00 3.66 -10.69
N ALA H 76 1.30 3.64 -9.41
CA ALA H 76 1.95 4.76 -8.77
C ALA H 76 3.15 4.24 -8.00
N VAL H 77 4.33 4.75 -8.32
CA VAL H 77 5.52 4.37 -7.59
C VAL H 77 6.10 5.64 -7.02
N ALA H 78 6.28 5.68 -5.72
CA ALA H 78 6.96 6.78 -5.07
C ALA H 78 8.15 6.19 -4.36
N GLN H 79 9.31 6.81 -4.51
CA GLN H 79 10.52 6.15 -4.10
C GLN H 79 11.55 7.19 -3.72
N LYS H 80 12.40 6.87 -2.76
CA LYS H 80 13.28 7.88 -2.18
C LYS H 80 14.75 7.59 -2.36
N THR H 81 15.17 6.32 -2.36
CA THR H 81 16.58 6.01 -2.53
C THR H 81 16.72 4.56 -2.96
N VAL H 82 17.45 4.32 -4.04
CA VAL H 82 17.73 2.97 -4.51
C VAL H 82 19.23 2.82 -4.59
N GLU H 83 19.75 1.77 -3.97
CA GLU H 83 21.18 1.50 -3.97
C GLU H 83 21.38 0.02 -4.25
N GLY H 84 22.61 -0.44 -4.16
CA GLY H 84 22.91 -1.84 -4.28
C GLY H 84 23.09 -2.28 -5.72
N ALA H 85 23.80 -3.39 -5.90
CA ALA H 85 24.23 -3.81 -7.23
C ALA H 85 24.07 -5.32 -7.37
N GLY H 86 22.92 -5.76 -7.90
CA GLY H 86 21.86 -4.90 -8.36
C GLY H 86 20.50 -5.43 -7.96
N SER H 87 19.71 -4.57 -7.35
CA SER H 87 18.49 -4.98 -6.68
C SER H 87 17.26 -4.48 -7.43
N ILE H 88 16.35 -5.39 -7.75
CA ILE H 88 15.10 -5.01 -8.39
C ILE H 88 14.31 -4.35 -7.27
N ALA H 89 14.20 -3.03 -7.32
CA ALA H 89 13.53 -2.26 -6.28
C ALA H 89 12.03 -2.50 -6.25
N ALA H 90 11.31 -1.97 -7.25
CA ALA H 90 9.87 -2.13 -7.29
C ALA H 90 9.45 -2.65 -8.65
N ALA H 91 9.18 -3.95 -8.75
CA ALA H 91 8.79 -4.56 -10.00
C ALA H 91 7.33 -5.00 -9.96
N THR H 92 6.54 -4.60 -10.94
CA THR H 92 5.15 -5.01 -10.93
C THR H 92 4.93 -6.24 -11.81
N GLY H 93 5.20 -6.14 -13.09
CA GLY H 93 5.11 -7.31 -13.95
C GLY H 93 6.46 -7.50 -14.58
N PHE H 94 7.07 -8.66 -14.37
CA PHE H 94 8.50 -8.72 -14.58
C PHE H 94 8.82 -10.12 -15.04
N VAL H 95 9.82 -10.23 -15.91
CA VAL H 95 10.27 -11.50 -16.47
C VAL H 95 11.74 -11.36 -16.82
N LYS H 96 12.58 -12.20 -16.22
CA LYS H 96 14.01 -12.15 -16.49
C LYS H 96 14.53 -13.53 -16.88
N LYS H 97 14.88 -13.70 -18.15
CA LYS H 97 15.38 -14.97 -18.65
C LYS H 97 16.76 -14.84 -19.27
N ASP H 98 17.70 -14.26 -18.52
CA ASP H 98 19.06 -14.09 -19.01
C ASP H 98 19.71 -15.44 -19.28
N GLN H 99 20.53 -15.50 -20.33
CA GLN H 99 21.20 -16.73 -20.70
C GLN H 99 22.72 -16.57 -20.63
N LYS I 45 -22.91 -24.26 -29.66
CA LYS I 45 -21.72 -23.64 -30.23
C LYS I 45 -20.58 -24.63 -30.31
N LYS I 46 -19.54 -24.28 -31.05
CA LYS I 46 -18.40 -25.17 -31.25
C LYS I 46 -17.12 -24.35 -31.20
N GLY I 47 -16.09 -24.90 -30.57
CA GLY I 47 -14.81 -24.25 -30.51
C GLY I 47 -13.66 -25.24 -30.42
N VAL I 48 -12.61 -25.01 -31.21
CA VAL I 48 -11.39 -25.82 -31.14
C VAL I 48 -10.22 -24.87 -31.08
N VAL I 49 -9.38 -25.01 -30.07
CA VAL I 49 -8.25 -24.10 -29.91
C VAL I 49 -6.97 -24.93 -29.86
N HIS I 50 -5.85 -24.30 -30.20
CA HIS I 50 -4.54 -24.85 -29.90
C HIS I 50 -3.95 -24.27 -28.62
N GLY I 51 -4.44 -23.12 -28.20
CA GLY I 51 -3.84 -22.54 -27.02
C GLY I 51 -2.68 -21.65 -27.38
N VAL I 52 -2.62 -20.50 -26.72
CA VAL I 52 -3.46 -20.20 -25.58
C VAL I 52 -4.66 -19.33 -25.98
N ALA I 53 -5.87 -19.82 -25.76
CA ALA I 53 -7.03 -18.99 -26.05
C ALA I 53 -7.58 -18.39 -24.76
N THR I 54 -8.58 -17.52 -24.93
CA THR I 54 -9.42 -17.06 -23.83
C THR I 54 -10.74 -16.62 -24.44
N VAL I 55 -11.76 -17.47 -24.36
CA VAL I 55 -12.99 -17.27 -25.10
C VAL I 55 -14.11 -17.07 -24.09
N ALA I 56 -15.01 -16.14 -24.37
CA ALA I 56 -15.93 -15.70 -23.33
C ALA I 56 -17.13 -14.98 -23.93
N GLU I 57 -18.02 -14.57 -23.04
CA GLU I 57 -19.09 -13.64 -23.35
C GLU I 57 -19.41 -12.85 -22.08
N LYS I 58 -19.84 -11.59 -22.25
CA LYS I 58 -20.30 -10.71 -21.17
C LYS I 58 -19.23 -10.49 -20.11
N THR I 59 -18.01 -10.25 -20.56
CA THR I 59 -16.85 -10.42 -19.71
C THR I 59 -16.13 -9.11 -19.41
N LYS I 60 -15.98 -8.79 -18.14
CA LYS I 60 -15.47 -7.44 -17.86
C LYS I 60 -13.98 -7.30 -18.14
N GLU I 61 -13.15 -8.28 -17.79
CA GLU I 61 -11.72 -8.13 -18.06
C GLU I 61 -11.18 -9.41 -18.66
N GLN I 62 -10.16 -9.27 -19.50
CA GLN I 62 -9.50 -10.39 -20.18
C GLN I 62 -8.03 -10.11 -20.35
N VAL I 63 -7.21 -11.10 -20.07
CA VAL I 63 -5.77 -11.02 -20.30
C VAL I 63 -5.34 -12.36 -20.90
N THR I 64 -4.56 -12.30 -21.96
CA THR I 64 -3.92 -13.48 -22.52
C THR I 64 -2.44 -13.20 -22.60
N ASN I 65 -1.63 -14.10 -22.09
CA ASN I 65 -0.21 -13.81 -22.07
C ASN I 65 0.53 -15.06 -22.46
N VAL I 66 1.60 -14.88 -23.22
CA VAL I 66 2.67 -15.84 -23.42
C VAL I 66 3.92 -15.00 -23.38
N GLY I 67 4.77 -15.14 -22.37
CA GLY I 67 5.95 -14.31 -22.37
C GLY I 67 6.73 -14.26 -21.07
N GLY I 68 7.03 -13.07 -20.59
CA GLY I 68 6.30 -11.84 -20.86
C GLY I 68 5.52 -11.33 -19.67
N ALA I 69 5.06 -10.07 -19.75
CA ALA I 69 4.42 -9.43 -18.62
C ALA I 69 3.21 -8.64 -19.09
N VAL I 70 2.18 -8.63 -18.26
CA VAL I 70 0.98 -7.83 -18.46
C VAL I 70 0.57 -7.25 -17.13
N VAL I 71 0.45 -5.94 -17.06
CA VAL I 71 0.01 -5.25 -15.86
C VAL I 71 -1.23 -4.46 -16.19
N THR I 72 -2.34 -4.84 -15.58
CA THR I 72 -3.61 -4.20 -15.86
C THR I 72 -4.26 -3.71 -14.58
N GLY I 73 -3.69 -4.00 -13.42
CA GLY I 73 -4.33 -3.71 -12.16
C GLY I 73 -3.72 -2.55 -11.43
N VAL I 74 -4.51 -2.04 -10.49
CA VAL I 74 -4.13 -0.90 -9.67
C VAL I 74 -2.98 -1.32 -8.77
N THR I 75 -1.97 -0.47 -8.67
CA THR I 75 -0.76 -0.85 -7.95
C THR I 75 -0.13 0.40 -7.37
N ALA I 76 0.16 0.38 -6.09
CA ALA I 76 0.77 1.52 -5.43
C ALA I 76 1.96 1.03 -4.65
N VAL I 77 3.13 1.55 -4.94
CA VAL I 77 4.31 1.20 -4.19
C VAL I 77 4.87 2.48 -3.62
N ALA I 78 5.02 2.54 -2.31
CA ALA I 78 5.68 3.66 -1.66
C ALA I 78 6.86 3.10 -0.92
N GLN I 79 8.01 3.74 -1.06
CA GLN I 79 9.22 3.09 -0.61
C GLN I 79 10.22 4.16 -0.24
N LYS I 80 11.06 3.86 0.75
CA LYS I 80 11.91 4.89 1.34
C LYS I 80 13.39 4.63 1.20
N THR I 81 13.82 3.37 1.21
CA THR I 81 15.25 3.08 1.07
C THR I 81 15.42 1.64 0.65
N VAL I 82 16.19 1.40 -0.42
CA VAL I 82 16.50 0.06 -0.87
C VAL I 82 18.00 -0.06 -0.92
N GLU I 83 18.53 -1.11 -0.29
CA GLU I 83 19.96 -1.35 -0.25
C GLU I 83 20.20 -2.83 -0.52
N GLY I 84 21.44 -3.26 -0.41
CA GLY I 84 21.76 -4.66 -0.51
C GLY I 84 21.98 -5.11 -1.95
N ALA I 85 22.71 -6.19 -2.11
CA ALA I 85 23.18 -6.62 -3.43
C ALA I 85 23.05 -8.13 -3.57
N GLY I 86 21.91 -8.60 -4.10
CA GLY I 86 20.84 -7.76 -4.60
C GLY I 86 19.49 -8.32 -4.22
N SER I 87 18.67 -7.47 -3.63
CA SER I 87 17.44 -7.88 -2.98
C SER I 87 16.23 -7.42 -3.76
N ILE I 88 15.33 -8.35 -4.08
CA ILE I 88 14.10 -7.99 -4.75
C ILE I 88 13.27 -7.35 -3.64
N ALA I 89 13.13 -6.03 -3.72
CA ALA I 89 12.43 -5.27 -2.68
C ALA I 89 10.93 -5.53 -2.69
N ALA I 90 10.23 -5.03 -3.70
CA ALA I 90 8.79 -5.22 -3.77
C ALA I 90 8.40 -5.75 -5.14
N ALA I 91 8.16 -7.06 -5.22
CA ALA I 91 7.81 -7.67 -6.48
C ALA I 91 6.36 -8.14 -6.46
N THR I 92 5.59 -7.77 -7.46
CA THR I 92 4.20 -8.20 -7.49
C THR I 92 4.01 -9.44 -8.34
N GLY I 93 4.30 -9.36 -9.63
CA GLY I 93 4.25 -10.51 -10.48
C GLY I 93 5.62 -10.70 -11.09
N PHE I 94 6.25 -11.83 -10.86
CA PHE I 94 7.68 -11.87 -11.03
C PHE I 94 8.04 -13.28 -11.48
N VAL I 95 9.06 -13.37 -12.33
CA VAL I 95 9.54 -14.63 -12.88
C VAL I 95 11.01 -14.47 -13.21
N LYS I 96 11.86 -15.28 -12.58
CA LYS I 96 13.29 -15.22 -12.82
C LYS I 96 13.84 -16.58 -13.20
N LYS I 97 14.22 -16.75 -14.46
CA LYS I 97 14.75 -18.01 -14.93
C LYS I 97 16.14 -17.86 -15.53
N ASP I 98 17.05 -17.26 -14.77
CA ASP I 98 18.43 -17.07 -15.23
C ASP I 98 19.11 -18.41 -15.49
N GLN I 99 19.94 -18.45 -16.52
CA GLN I 99 20.66 -19.68 -16.87
C GLN I 99 22.17 -19.49 -16.77
N LYS J 45 -23.30 -36.01 -20.50
CA LYS J 45 -22.13 -35.32 -21.01
C LYS J 45 -20.92 -36.25 -20.98
N LYS J 46 -19.86 -35.85 -21.66
CA LYS J 46 -18.66 -36.66 -21.77
C LYS J 46 -17.44 -35.76 -21.67
N GLY J 47 -16.42 -36.23 -20.96
CA GLY J 47 -15.18 -35.49 -20.84
C GLY J 47 -13.99 -36.40 -20.65
N VAL J 48 -12.90 -36.14 -21.37
CA VAL J 48 -11.64 -36.86 -21.21
C VAL J 48 -10.53 -35.83 -21.10
N VAL J 49 -9.75 -35.90 -20.03
CA VAL J 49 -8.69 -34.91 -19.82
C VAL J 49 -7.38 -35.66 -19.68
N HIS J 50 -6.28 -34.96 -19.97
CA HIS J 50 -4.96 -35.43 -19.57
C HIS J 50 -4.50 -34.78 -18.27
N GLY J 51 -5.08 -33.66 -17.91
CA GLY J 51 -4.59 -33.01 -16.71
C GLY J 51 -3.46 -32.05 -17.02
N VAL J 52 -3.52 -30.88 -16.39
CA VAL J 52 -4.45 -30.62 -15.31
C VAL J 52 -5.68 -29.84 -15.82
N ALA J 53 -6.86 -30.39 -15.66
CA ALA J 53 -8.05 -29.65 -16.04
C ALA J 53 -8.72 -29.06 -14.81
N THR J 54 -9.76 -28.26 -15.06
CA THR J 54 -10.70 -27.83 -14.01
C THR J 54 -12.00 -27.49 -14.72
N VAL J 55 -12.96 -28.39 -14.68
CA VAL J 55 -14.16 -28.29 -15.51
C VAL J 55 -15.34 -28.14 -14.58
N ALA J 56 -16.29 -27.28 -14.92
CA ALA J 56 -17.30 -26.88 -13.96
C ALA J 56 -18.49 -26.26 -14.65
N GLU J 57 -19.46 -25.88 -13.84
CA GLU J 57 -20.58 -25.02 -14.23
C GLU J 57 -21.01 -24.23 -13.01
N LYS J 58 -21.50 -23.00 -13.24
CA LYS J 58 -22.10 -22.13 -12.21
C LYS J 58 -21.11 -21.82 -11.09
N THR J 59 -19.88 -21.52 -11.47
CA THR J 59 -18.77 -21.58 -10.54
C THR J 59 -18.16 -20.23 -10.23
N LYS J 60 -18.11 -19.86 -8.96
CA LYS J 60 -17.71 -18.49 -8.68
C LYS J 60 -16.21 -18.26 -8.88
N GLU J 61 -15.35 -19.17 -8.46
CA GLU J 61 -13.92 -18.94 -8.64
C GLU J 61 -13.26 -20.20 -9.17
N GLN J 62 -12.19 -20.02 -9.95
CA GLN J 62 -11.43 -21.10 -10.55
C GLN J 62 -9.97 -20.72 -10.64
N VAL J 63 -9.10 -21.66 -10.28
CA VAL J 63 -7.66 -21.49 -10.43
C VAL J 63 -7.11 -22.80 -10.96
N THR J 64 -6.27 -22.73 -11.98
CA THR J 64 -5.53 -23.87 -12.46
C THR J 64 -4.06 -23.50 -12.46
N ASN J 65 -3.23 -24.34 -11.87
CA ASN J 65 -1.84 -23.96 -11.78
C ASN J 65 -0.99 -25.17 -12.08
N VAL J 66 0.11 -24.93 -12.78
CA VAL J 66 1.24 -25.82 -12.89
C VAL J 66 2.44 -24.91 -12.79
N GLY J 67 3.22 -24.97 -11.73
CA GLY J 67 4.35 -24.07 -11.67
C GLY J 67 5.03 -23.95 -10.34
N GLY J 68 5.24 -22.72 -9.86
CA GLY J 68 4.45 -21.55 -10.21
C GLY J 68 3.55 -21.06 -9.09
N ALA J 69 3.04 -19.84 -9.23
CA ALA J 69 2.27 -19.21 -8.16
C ALA J 69 1.05 -18.52 -8.72
N VAL J 70 -0.02 -18.55 -7.95
CA VAL J 70 -1.26 -17.84 -8.26
C VAL J 70 -1.79 -17.25 -6.97
N VAL J 71 -2.00 -15.94 -6.94
CA VAL J 71 -2.55 -15.27 -5.78
C VAL J 71 -3.82 -14.56 -6.21
N THR J 72 -4.94 -15.00 -5.67
CA THR J 72 -6.23 -14.45 -6.03
C THR J 72 -6.99 -13.97 -4.81
N GLY J 73 -6.47 -14.21 -3.62
CA GLY J 73 -7.21 -13.93 -2.42
C GLY J 73 -6.73 -12.72 -1.67
N VAL J 74 -7.60 -12.24 -0.81
CA VAL J 74 -7.35 -11.07 0.02
C VAL J 74 -6.23 -11.38 0.99
N THR J 75 -5.28 -10.47 1.14
CA THR J 75 -4.10 -10.75 1.94
C THR J 75 -3.58 -9.46 2.53
N ALA J 76 -3.39 -9.42 3.83
CA ALA J 76 -2.88 -8.23 4.49
C ALA J 76 -1.71 -8.63 5.36
N VAL J 77 -0.56 -8.05 5.12
CA VAL J 77 0.59 -8.30 5.97
C VAL J 77 1.03 -6.97 6.53
N ALA J 78 1.10 -6.88 7.84
CA ALA J 78 1.62 -5.71 8.51
C ALA J 78 2.80 -6.17 9.33
N GLN J 79 3.90 -5.47 9.25
CA GLN J 79 5.12 -6.02 9.78
C GLN J 79 6.03 -4.88 10.20
N LYS J 80 6.82 -5.10 11.25
CA LYS J 80 7.56 -4.01 11.86
C LYS J 80 9.07 -4.19 11.81
N THR J 81 9.58 -5.41 11.88
CA THR J 81 11.03 -5.61 11.84
C THR J 81 11.32 -7.04 11.46
N VAL J 82 12.16 -7.26 10.46
CA VAL J 82 12.58 -8.59 10.06
C VAL J 82 14.10 -8.62 10.12
N GLU J 83 14.64 -9.61 10.80
CA GLU J 83 16.09 -9.76 10.93
C GLU J 83 16.42 -11.22 10.72
N GLY J 84 17.68 -11.57 10.92
CA GLY J 84 18.09 -12.95 10.86
C GLY J 84 18.43 -13.41 9.45
N ALA J 85 19.24 -14.45 9.38
CA ALA J 85 19.81 -14.88 8.10
C ALA J 85 19.79 -16.39 7.99
N GLY J 86 18.73 -16.95 7.41
CA GLY J 86 17.63 -16.19 6.82
C GLY J 86 16.30 -16.83 7.12
N SER J 87 15.39 -16.01 7.64
CA SER J 87 14.16 -16.49 8.23
C SER J 87 12.97 -16.13 7.35
N ILE J 88 12.16 -17.13 7.01
CA ILE J 88 10.94 -16.86 6.25
C ILE J 88 10.00 -16.24 7.28
N ALA J 89 9.79 -14.93 7.17
CA ALA J 89 8.98 -14.20 8.13
C ALA J 89 7.50 -14.57 8.05
N ALA J 90 6.84 -14.13 6.99
CA ALA J 90 5.41 -14.40 6.82
C ALA J 90 5.15 -14.99 5.45
N ALA J 91 5.00 -16.31 5.38
CA ALA J 91 4.77 -16.99 4.12
C ALA J 91 3.35 -17.54 4.07
N THR J 92 2.63 -17.24 3.00
CA THR J 92 1.27 -17.77 2.91
C THR J 92 1.22 -19.03 2.07
N GLY J 93 1.58 -18.95 0.80
CA GLY J 93 1.67 -20.13 -0.02
C GLY J 93 3.08 -20.24 -0.53
N PHE J 94 3.76 -21.32 -0.23
CA PHE J 94 5.20 -21.27 -0.33
C PHE J 94 5.67 -22.66 -0.71
N VAL J 95 6.74 -22.71 -1.50
CA VAL J 95 7.33 -23.95 -1.97
C VAL J 95 8.82 -23.70 -2.21
N LYS J 96 9.67 -24.44 -1.52
CA LYS J 96 11.11 -24.29 -1.67
C LYS J 96 11.76 -25.63 -1.97
N LYS J 97 12.23 -25.79 -3.20
CA LYS J 97 12.88 -27.03 -3.61
C LYS J 97 14.29 -26.81 -4.12
N ASP J 98 15.11 -26.14 -3.33
CA ASP J 98 16.49 -25.87 -3.70
C ASP J 98 17.27 -27.16 -3.88
N GLN J 99 18.17 -27.18 -4.86
CA GLN J 99 18.98 -28.36 -5.13
C GLN J 99 20.46 -28.07 -4.94
C01 IZ8 K . 28.81 -7.34 18.51
C02 IZ8 K . 29.14 -6.16 19.42
C03 IZ8 K . 28.68 -4.88 19.09
C04 IZ8 K . 28.97 -3.81 19.91
C05 IZ8 K . 28.51 -2.53 19.58
C06 IZ8 K . 27.76 -2.35 18.43
C07 IZ8 K . 27.30 -1.07 18.09
C08 IZ8 K . 27.60 0.01 18.89
N09 IZ8 K . 27.07 1.34 18.57
N10 IZ8 K . 26.33 1.54 17.37
C11 IZ8 K . 25.86 2.88 17.01
C12 IZ8 K . 25.12 3.06 15.83
O13 IZ8 K . 24.91 1.98 14.97
C14 IZ8 K . 24.70 4.37 15.46
C15 IZ8 K . 23.87 4.72 14.27
N16 IZ8 K . 23.60 3.68 13.29
C17 IZ8 K . 23.48 6.03 14.02
S18 IZ8 K . 22.47 6.45 12.57
O19 IZ8 K . 21.09 7.22 13.06
O20 IZ8 K . 22.08 5.06 11.76
O21 IZ8 K . 23.35 7.45 11.58
C22 IZ8 K . 23.85 7.04 14.91
C23 IZ8 K . 24.61 6.74 16.03
S24 IZ8 K . 25.06 8.06 17.20
O25 IZ8 K . 24.19 7.88 18.59
O26 IZ8 K . 26.67 7.97 17.54
O27 IZ8 K . 24.71 9.53 16.53
C28 IZ8 K . 24.99 5.44 16.24
C29 IZ8 K . 25.74 5.26 17.45
C30 IZ8 K . 26.16 3.98 17.81
C31 IZ8 K . 28.35 -0.17 20.04
C32 IZ8 K . 28.63 1.01 20.97
C33 IZ8 K . 28.81 -1.44 20.39
C34 IZ8 K . 29.72 -4.00 21.07
C35 IZ8 K . 30.19 -5.27 21.39
C36 IZ8 K . 29.90 -6.35 20.57
N37 IZ8 K . 30.39 -7.69 20.90
N38 IZ8 K . 31.17 -7.89 22.08
C39 IZ8 K . 31.69 -9.18 22.48
C40 IZ8 K . 31.46 -10.30 21.66
O41 IZ8 K . 30.63 -10.19 20.55
C42 IZ8 K . 31.97 -11.58 22.04
C43 IZ8 K . 31.73 -12.73 21.22
N44 IZ8 K . 30.88 -12.62 20.06
C45 IZ8 K . 32.26 -13.97 21.59
S46 IZ8 K . 31.96 -15.42 20.55
O47 IZ8 K . 33.03 -15.44 19.30
O48 IZ8 K . 30.42 -15.37 19.95
O49 IZ8 K . 32.14 -16.80 21.45
C50 IZ8 K . 33.01 -14.09 22.76
C51 IZ8 K . 33.24 -12.97 23.57
S52 IZ8 K . 34.32 -13.10 25.02
O53 IZ8 K . 35.90 -13.09 24.54
O54 IZ8 K . 34.00 -14.52 25.81
O55 IZ8 K . 34.05 -11.83 26.03
C56 IZ8 K . 32.69 -11.71 23.19
C57 IZ8 K . 32.94 -10.57 24.02
C58 IZ8 K . 32.43 -9.33 23.65
C01 IZ8 L . 32.44 -2.61 12.08
C02 IZ8 L . 32.78 -1.42 12.99
C03 IZ8 L . 32.31 -0.15 12.66
C04 IZ8 L . 32.61 0.93 13.48
C05 IZ8 L . 32.15 2.21 13.15
C06 IZ8 L . 31.39 2.39 11.99
C07 IZ8 L . 30.94 3.66 11.66
C08 IZ8 L . 31.23 4.74 12.47
N09 IZ8 L . 30.71 6.07 12.13
N10 IZ8 L . 29.97 6.27 10.94
C11 IZ8 L . 29.49 7.62 10.58
C12 IZ8 L . 28.76 7.80 9.40
O13 IZ8 L . 28.54 6.71 8.54
C14 IZ8 L . 28.34 9.11 9.02
C15 IZ8 L . 27.51 9.45 7.84
N16 IZ8 L . 27.24 8.42 6.86
C17 IZ8 L . 27.11 10.76 7.60
S18 IZ8 L . 26.11 11.19 6.14
O19 IZ8 L . 24.73 11.96 6.63
O20 IZ8 L . 25.72 9.80 5.33
O21 IZ8 L . 26.98 12.18 5.15
C22 IZ8 L . 27.49 11.78 8.48
C23 IZ8 L . 28.25 11.48 9.60
S24 IZ8 L . 28.69 12.79 10.77
O25 IZ8 L . 27.82 12.60 12.17
O26 IZ8 L . 30.30 12.71 11.11
O27 IZ8 L . 28.35 14.27 10.10
C28 IZ8 L . 28.63 10.18 9.80
C29 IZ8 L . 29.38 9.99 11.01
C30 IZ8 L . 29.80 8.71 11.38
C31 IZ8 L . 31.99 4.57 13.61
C32 IZ8 L . 32.27 5.74 14.54
C33 IZ8 L . 32.45 3.30 13.96
C34 IZ8 L . 33.36 0.74 14.63
C35 IZ8 L . 33.82 -0.54 14.96
C36 IZ8 L . 33.53 -1.62 14.13
N37 IZ8 L . 34.03 -2.96 14.46
N38 IZ8 L . 34.80 -3.16 15.64
C39 IZ8 L . 35.33 -4.45 16.05
C40 IZ8 L . 35.10 -5.57 15.23
O41 IZ8 L . 34.27 -5.45 14.12
C42 IZ8 L . 35.61 -6.84 15.60
C43 IZ8 L . 35.37 -7.99 14.79
N44 IZ8 L . 34.51 -7.89 13.63
C45 IZ8 L . 35.90 -9.24 15.17
S46 IZ8 L . 35.60 -10.70 14.12
O47 IZ8 L . 36.67 -10.71 12.86
O48 IZ8 L . 34.06 -10.64 13.51
O49 IZ8 L . 35.78 -12.07 15.02
C50 IZ8 L . 36.64 -9.35 16.33
C51 IZ8 L . 36.87 -8.24 17.13
S52 IZ8 L . 37.96 -8.37 18.59
O53 IZ8 L . 39.54 -8.36 18.10
O54 IZ8 L . 37.64 -9.78 19.38
O55 IZ8 L . 37.68 -7.09 19.59
C56 IZ8 L . 36.33 -6.97 16.76
C57 IZ8 L . 36.57 -5.83 17.59
C58 IZ8 L . 36.06 -4.59 17.22
C01 IZ8 M . 30.57 -5.04 15.39
C02 IZ8 M . 30.91 -3.85 16.29
C03 IZ8 M . 30.44 -2.58 15.96
C04 IZ8 M . 30.73 -1.50 16.79
C05 IZ8 M . 30.27 -0.22 16.45
C06 IZ8 M . 29.51 -0.04 15.30
C07 IZ8 M . 29.06 1.23 14.97
C08 IZ8 M . 29.36 2.32 15.77
N09 IZ8 M . 28.84 3.65 15.44
N10 IZ8 M . 28.09 3.85 14.24
C11 IZ8 M . 27.62 5.19 13.88
C12 IZ8 M . 26.89 5.36 12.71
O13 IZ8 M . 26.66 4.28 11.85
C14 IZ8 M . 26.45 6.68 12.33
C15 IZ8 M . 25.63 7.03 11.14
N16 IZ8 M . 25.36 5.99 10.17
C17 IZ8 M . 25.24 8.34 10.90
S18 IZ8 M . 24.24 8.75 9.45
O19 IZ8 M . 22.86 9.53 9.93
O20 IZ8 M . 23.84 7.37 8.63
O21 IZ8 M . 25.10 9.75 8.45
C22 IZ8 M . 25.61 9.35 11.79
C23 IZ8 M . 26.37 9.06 12.90
S24 IZ8 M . 26.82 10.37 14.08
O25 IZ8 M . 25.95 10.18 15.47
O26 IZ8 M . 28.43 10.28 14.42
O27 IZ8 M . 26.47 11.83 13.41
C28 IZ8 M . 26.75 7.75 13.12
C29 IZ8 M . 27.51 7.56 14.32
C30 IZ8 M . 27.93 6.28 14.69
C31 IZ8 M . 30.12 2.14 16.92
C32 IZ8 M . 30.39 3.32 17.85
C33 IZ8 M . 30.57 0.87 17.27
C34 IZ8 M . 31.49 -1.70 17.94
C35 IZ8 M . 31.95 -2.97 18.27
C36 IZ8 M . 31.65 -4.05 17.44
N37 IZ8 M . 32.15 -5.39 17.78
N38 IZ8 M . 32.93 -5.58 18.94
C39 IZ8 M . 33.45 -6.88 19.35
C40 IZ8 M . 33.22 -7.99 18.54
O41 IZ8 M . 32.39 -7.88 17.42
C42 IZ8 M . 33.73 -9.27 18.92
C43 IZ8 M . 33.49 -10.42 18.10
N44 IZ8 M . 32.64 -10.32 16.93
C45 IZ8 M . 34.01 -11.67 18.47
S46 IZ8 M . 33.72 -13.12 17.42
O47 IZ8 M . 34.79 -13.13 16.17
O48 IZ8 M . 32.18 -13.07 16.83
O49 IZ8 M . 33.90 -14.50 18.32
C50 IZ8 M . 34.76 -11.78 19.64
C51 IZ8 M . 35.00 -10.66 20.44
S52 IZ8 M . 36.08 -10.79 21.90
O53 IZ8 M . 37.65 -10.79 21.41
O54 IZ8 M . 35.76 -12.21 22.69
O55 IZ8 M . 35.81 -9.52 22.90
C56 IZ8 M . 34.46 -9.40 20.06
C57 IZ8 M . 34.70 -8.26 20.89
C58 IZ8 M . 34.18 -7.02 20.53
C01 IZ8 N . -33.07 2.25 -11.02
C02 IZ8 N . -33.29 1.42 -12.28
C03 IZ8 N . -32.35 1.43 -13.30
C04 IZ8 N . -32.54 0.66 -14.44
C05 IZ8 N . -31.58 0.68 -15.46
C06 IZ8 N . -30.44 1.47 -15.33
C07 IZ8 N . -29.49 1.50 -16.35
C08 IZ8 N . -29.68 0.75 -17.50
N09 IZ8 N . -28.66 0.73 -18.55
N10 IZ8 N . -27.50 1.56 -18.43
C11 IZ8 N . -26.51 1.60 -19.51
C12 IZ8 N . -25.38 2.41 -19.38
O13 IZ8 N . -25.24 3.24 -18.26
C14 IZ8 N . -24.42 2.48 -20.45
C15 IZ8 N . -23.17 3.26 -20.44
N16 IZ8 N . -22.91 4.16 -19.34
C17 IZ8 N . -22.28 3.22 -21.52
S18 IZ8 N . -20.74 4.16 -21.51
O19 IZ8 N . -19.47 3.15 -21.77
O20 IZ8 N . -20.56 4.92 -20.05
O21 IZ8 N . -20.79 5.30 -22.71
C22 IZ8 N . -22.58 2.42 -22.63
C23 IZ8 N . -23.76 1.69 -22.66
S24 IZ8 N . -24.13 0.63 -24.08
O25 IZ8 N . -23.96 -0.96 -23.66
O26 IZ8 N . -25.69 0.90 -24.58
O27 IZ8 N . -23.10 0.99 -25.32
C28 IZ8 N . -24.62 1.75 -21.58
C29 IZ8 N . -25.77 0.93 -21.71
C30 IZ8 N . -26.70 0.86 -20.67
C31 IZ8 N . -30.83 -0.04 -17.63
C32 IZ8 N . -31.00 -0.91 -18.88
C33 IZ8 N . -31.77 -0.07 -16.62
C34 IZ8 N . -33.67 -0.12 -14.57
C35 IZ8 N . -34.62 -0.14 -13.55
C36 IZ8 N . -34.44 0.63 -12.41
N37 IZ8 N . -35.44 0.63 -11.34
N38 IZ8 N . -36.61 -0.17 -11.46
C39 IZ8 N . -37.65 -0.23 -10.44
C40 IZ8 N . -37.53 0.55 -9.30
O41 IZ8 N . -36.35 1.29 -9.08
C42 IZ8 N . -38.54 0.52 -8.30
C43 IZ8 N . -38.42 1.30 -7.10
N44 IZ8 N . -37.21 2.07 -6.86
C45 IZ8 N . -39.42 1.26 -6.14
S46 IZ8 N . -39.28 2.27 -4.63
O47 IZ8 N . -39.75 3.82 -4.95
O48 IZ8 N . -37.70 2.27 -4.13
O49 IZ8 N . -40.23 1.63 -3.44
C50 IZ8 N . -40.55 0.45 -6.33
C51 IZ8 N . -40.67 -0.31 -7.49
S52 IZ8 N . -42.18 -1.26 -7.79
O53 IZ8 N . -43.37 -0.25 -8.34
O54 IZ8 N . -42.68 -1.98 -6.39
O55 IZ8 N . -41.89 -2.43 -8.93
C56 IZ8 N . -39.63 -0.28 -8.47
C57 IZ8 N . -39.76 -1.08 -9.65
C58 IZ8 N . -38.76 -1.04 -10.63
C01 IZ8 O . -33.49 -1.26 -8.21
C02 IZ8 O . -33.71 -2.09 -9.47
C03 IZ8 O . -32.75 -2.08 -10.49
C04 IZ8 O . -32.95 -2.84 -11.63
C05 IZ8 O . -31.99 -2.82 -12.65
C06 IZ8 O . -30.85 -2.04 -12.52
C07 IZ8 O . -29.91 -2.00 -13.54
C08 IZ8 O . -30.10 -2.76 -14.69
N09 IZ8 O . -29.07 -2.76 -15.74
N10 IZ8 O . -27.92 -1.94 -15.62
C11 IZ8 O . -26.92 -1.90 -16.70
C12 IZ8 O . -25.79 -1.09 -16.57
O13 IZ8 O . -25.65 -0.27 -15.44
C14 IZ8 O . -24.83 -1.03 -17.63
C15 IZ8 O . -23.57 -0.25 -17.63
N16 IZ8 O . -23.33 0.66 -16.53
C17 IZ8 O . -22.70 -0.29 -18.71
S18 IZ8 O . -21.16 0.66 -18.70
O19 IZ8 O . -19.87 -0.35 -18.96
O20 IZ8 O . -20.98 1.41 -17.24
O21 IZ8 O . -21.20 1.79 -19.90
C22 IZ8 O . -23.00 -1.09 -19.83
C23 IZ8 O . -24.18 -1.82 -19.85
S24 IZ8 O . -24.55 -2.88 -21.28
O25 IZ8 O . -24.37 -4.46 -20.85
O26 IZ8 O . -26.10 -2.61 -21.77
O27 IZ8 O . -23.51 -2.52 -22.51
C28 IZ8 O . -25.02 -1.75 -18.76
C29 IZ8 O . -26.18 -2.58 -18.90
C30 IZ8 O . -27.11 -2.65 -17.86
C31 IZ8 O . -31.23 -3.54 -14.82
C32 IZ8 O . -31.41 -4.42 -16.07
C33 IZ8 O . -32.18 -3.57 -13.80
C34 IZ8 O . -34.10 -3.63 -11.75
C35 IZ8 O . -35.04 -3.64 -10.74
C36 IZ8 O . -34.85 -2.87 -9.59
N37 IZ8 O . -35.84 -2.88 -8.53
N38 IZ8 O . -37.02 -3.67 -8.65
C39 IZ8 O . -38.06 -3.73 -7.64
C40 IZ8 O . -37.94 -2.95 -6.48
O41 IZ8 O . -36.78 -2.22 -6.26
C42 IZ8 O . -38.95 -2.99 -5.49
C43 IZ8 O . -38.83 -2.20 -4.29
N44 IZ8 O . -37.62 -1.44 -4.05
C45 IZ8 O . -39.84 -2.24 -3.33
S46 IZ8 O . -39.69 -1.23 -1.82
O47 IZ8 O . -40.16 0.31 -2.14
O48 IZ8 O . -38.11 -1.23 -1.31
O49 IZ8 O . -40.64 -1.87 -0.64
C50 IZ8 O . -40.96 -3.04 -3.51
C51 IZ8 O . -41.08 -3.82 -4.67
S52 IZ8 O . -42.59 -4.77 -4.99
O53 IZ8 O . -43.78 -3.76 -5.53
O54 IZ8 O . -43.08 -5.49 -3.58
O55 IZ8 O . -42.30 -5.93 -6.12
C56 IZ8 O . -40.04 -3.78 -5.66
C57 IZ8 O . -40.17 -4.58 -6.84
C58 IZ8 O . -39.18 -4.54 -7.81
C01 IZ8 P . -33.89 -4.56 -5.55
C02 IZ8 P . -34.11 -5.39 -6.81
C03 IZ8 P . -33.16 -5.38 -7.83
C04 IZ8 P . -33.35 -6.15 -8.97
C05 IZ8 P . -32.40 -6.13 -9.99
C06 IZ8 P . -31.25 -5.34 -9.86
C07 IZ8 P . -30.30 -5.32 -10.88
C08 IZ8 P . -30.50 -6.06 -12.03
N09 IZ8 P . -29.47 -6.08 -13.09
N10 IZ8 P . -28.32 -5.25 -12.97
C11 IZ8 P . -27.32 -5.21 -14.04
C12 IZ8 P . -26.20 -4.40 -13.91
O13 IZ8 P . -26.05 -3.58 -12.79
C14 IZ8 P . -25.24 -4.33 -14.97
C15 IZ8 P . -23.98 -3.55 -14.97
N16 IZ8 P . -23.72 -2.65 -13.87
C17 IZ8 P . -23.10 -3.60 -16.04
S18 IZ8 P . -21.55 -2.65 -16.04
O19 IZ8 P . -20.28 -3.66 -16.30
O20 IZ8 P . -21.38 -1.90 -14.57
O21 IZ8 P . -21.60 -1.51 -17.24
C22 IZ8 P . -23.41 -4.39 -17.17
C23 IZ8 P . -24.58 -5.12 -17.19
S24 IZ8 P . -24.96 -6.19 -18.62
O25 IZ8 P . -24.78 -7.77 -18.19
O26 IZ8 P . -26.50 -5.91 -19.11
O27 IZ8 P . -23.91 -5.82 -19.85
C28 IZ8 P . -25.43 -5.06 -16.11
C29 IZ8 P . -26.58 -5.88 -16.24
C30 IZ8 P . -27.52 -5.95 -15.20
C31 IZ8 P . -31.64 -6.85 -12.16
C32 IZ8 P . -31.81 -7.72 -13.41
C33 IZ8 P . -32.58 -6.88 -11.15
C34 IZ8 P . -34.50 -6.93 -9.09
C35 IZ8 P . -35.45 -6.95 -8.08
C36 IZ8 P . -35.25 -6.19 -6.94
N37 IZ8 P . -36.25 -6.18 -5.87
N38 IZ8 P . -37.43 -6.98 -6.00
C39 IZ8 P . -38.47 -7.04 -4.98
C40 IZ8 P . -38.34 -6.26 -3.83
O41 IZ8 P . -37.17 -5.53 -3.60
C42 IZ8 P . -39.36 -6.29 -2.83
C43 IZ8 P . -39.24 -5.51 -1.63
N44 IZ8 P . -38.02 -4.74 -1.39
C45 IZ8 P . -40.24 -5.55 -0.67
S46 IZ8 P . -40.09 -4.55 0.83
O47 IZ8 P . -40.57 -2.99 0.52
O48 IZ8 P . -38.51 -4.54 1.34
O49 IZ8 P . -41.05 -5.18 2.03
C50 IZ8 P . -41.36 -6.36 -0.86
C51 IZ8 P . -41.48 -7.13 -2.01
S52 IZ8 P . -43.00 -8.08 -2.32
O53 IZ8 P . -44.19 -7.07 -2.87
O54 IZ8 P . -43.49 -8.79 -0.92
O55 IZ8 P . -42.71 -9.24 -3.46
C56 IZ8 P . -40.45 -7.10 -3.00
C57 IZ8 P . -40.57 -7.90 -4.18
C58 IZ8 P . -39.58 -7.85 -5.15
#